data_9BEV
#
_entry.id   9BEV
#
_cell.length_a   231.513
_cell.length_b   77.478
_cell.length_c   116.039
_cell.angle_alpha   90.000
_cell.angle_beta   113.207
_cell.angle_gamma   90.000
#
_symmetry.space_group_name_H-M   'C 1 2 1'
#
loop_
_entity.id
_entity.type
_entity.pdbx_description
1 polymer GH110A
2 branched 6-O-sulfo-alpha-D-galactopyranose-(1-3)-2-O-sulfo-beta-D-galactopyranose-(1-4)-2,6-di-O-sulfo-alpha-D-galactopyranose
3 non-polymer 'CHLORIDE ION'
4 non-polymer 'MAGNESIUM ION'
5 water water
#
_entity_poly.entity_id   1
_entity_poly.type   'polypeptide(L)'
_entity_poly.pdbx_seq_one_letter_code
;MGSSHHHHHHSSGLVPRGSHMASKEVLTFEPVAQDMTPIIRSALKNVKDKDLKIVFKKGTYKFLPEYASSEYRRITNHGN
GLKKIAFSLDGFDSVEIEGAGSEFVFHGQIAPFEFYNNKSVKVSNITIDWDIPFTFVAEVLSVNEKLGYRDVRPVKGDHQ
WDLKGGKIRFPNVDGFSYNYLGSTLAWDKNEKRVVHGGIDSKSKSDDVEDLGNGVLRIHERLKDYPPVGSLTSSKGDRET
HRYAPAFQVKNSKNIVFDNVVIHHALGMGFLFEKSEDIQILNSGVYLRDGSERLISTTADATHFANCKGDILIENSRFEN
MLNDGANVHGTYTIVDKIIDSHTVMVKFGHFEQTGFEFTGQDDEIWFIHQPNTKRESVNTVESVNVINEAYTQIKFKNRL
PKQLAKGDLLENKTWNPTFTMRKTIIKNHRARNVVLKTPLKTVIEENFFSSMMSSILFRGETFFWYESGAVEDVLIRNNT
FDYVAYAGKPHAVLNITPRLSKSFNQDEIYDRNIRFENNTINSFGNRIVWADRVGGLTVSGNTINRNINQPVLHPDSPLF
EFVNSENIELKNNTYNGKVQRVLIVDDSSKGTLIDDGSIK
;
_entity_poly.pdbx_strand_id   A,B
#
# COMPACT_ATOMS: atom_id res chain seq x y z
N LYS A 24 13.59 31.86 19.52
CA LYS A 24 12.20 31.50 19.26
C LYS A 24 11.66 32.20 18.03
N GLU A 25 11.20 31.42 17.06
CA GLU A 25 10.68 31.93 15.80
C GLU A 25 9.16 32.03 15.86
N VAL A 26 8.63 33.04 15.17
CA VAL A 26 7.19 33.28 15.11
C VAL A 26 6.82 33.51 13.64
N LEU A 27 6.06 32.59 13.06
CA LEU A 27 5.63 32.68 11.68
C LEU A 27 4.15 33.05 11.64
N THR A 28 3.83 34.07 10.83
CA THR A 28 2.46 34.53 10.67
C THR A 28 2.03 34.33 9.22
N PHE A 29 0.76 34.00 9.03
CA PHE A 29 0.25 33.64 7.71
C PHE A 29 -1.11 34.29 7.47
N GLU A 30 -1.37 34.58 6.20
CA GLU A 30 -2.62 35.13 5.71
C GLU A 30 -3.19 34.22 4.64
N PRO A 31 -4.52 34.25 4.42
CA PRO A 31 -5.09 33.45 3.32
C PRO A 31 -4.76 34.04 1.96
N VAL A 32 -3.53 33.85 1.50
CA VAL A 32 -3.09 34.49 0.26
C VAL A 32 -3.53 33.67 -0.95
N ALA A 33 -3.06 32.44 -1.05
CA ALA A 33 -3.28 31.60 -2.23
C ALA A 33 -4.43 30.62 -2.00
N GLN A 34 -4.99 30.13 -3.10
CA GLN A 34 -6.08 29.16 -3.03
C GLN A 34 -5.63 27.85 -2.40
N ASP A 35 -4.35 27.51 -2.55
CA ASP A 35 -3.76 26.31 -1.95
C ASP A 35 -2.63 26.76 -1.03
N MET A 36 -2.87 26.73 0.27
CA MET A 36 -1.89 27.19 1.25
C MET A 36 -0.84 26.14 1.58
N THR A 37 -0.91 24.95 0.97
CA THR A 37 0.06 23.91 1.28
C THR A 37 1.49 24.28 0.89
N PRO A 38 1.77 24.79 -0.32
CA PRO A 38 3.18 25.12 -0.64
C PRO A 38 3.77 26.21 0.24
N ILE A 39 2.97 27.16 0.70
CA ILE A 39 3.50 28.21 1.57
C ILE A 39 3.87 27.66 2.93
N ILE A 40 3.01 26.80 3.50
CA ILE A 40 3.31 26.20 4.79
C ILE A 40 4.50 25.26 4.68
N ARG A 41 4.59 24.49 3.59
CA ARG A 41 5.69 23.56 3.41
C ARG A 41 7.04 24.26 3.39
N SER A 42 7.15 25.32 2.59
CA SER A 42 8.42 26.02 2.46
C SER A 42 8.80 26.75 3.74
N ALA A 43 7.83 27.40 4.40
CA ALA A 43 8.12 28.12 5.61
C ALA A 43 8.56 27.18 6.73
N LEU A 44 7.91 26.02 6.85
CA LEU A 44 8.30 25.06 7.87
C LEU A 44 9.62 24.38 7.54
N LYS A 45 9.96 24.28 6.26
CA LYS A 45 11.21 23.64 5.86
C LYS A 45 12.44 24.46 6.22
N ASN A 46 12.30 25.78 6.38
CA ASN A 46 13.41 26.66 6.67
C ASN A 46 13.49 27.05 8.14
N VAL A 47 12.72 26.39 9.01
CA VAL A 47 12.78 26.68 10.44
C VAL A 47 14.12 26.18 10.99
N LYS A 48 14.68 26.95 11.92
CA LYS A 48 15.97 26.62 12.51
C LYS A 48 15.94 26.46 14.02
N ASP A 49 15.20 27.31 14.73
CA ASP A 49 15.16 27.24 16.18
C ASP A 49 14.26 26.12 16.66
N LYS A 50 14.44 25.74 17.93
CA LYS A 50 13.66 24.66 18.53
C LYS A 50 12.40 25.17 19.24
N ASP A 51 12.13 26.46 19.20
CA ASP A 51 10.92 27.05 19.77
C ASP A 51 10.19 27.77 18.66
N LEU A 52 9.03 27.24 18.25
CA LEU A 52 8.28 27.76 17.12
C LEU A 52 6.85 28.05 17.52
N LYS A 53 6.33 29.17 17.03
CA LYS A 53 4.92 29.53 17.18
C LYS A 53 4.40 29.99 15.82
N ILE A 54 3.24 29.47 15.43
CA ILE A 54 2.64 29.77 14.14
C ILE A 54 1.29 30.43 14.38
N VAL A 55 1.08 31.61 13.80
CA VAL A 55 -0.12 32.40 13.99
C VAL A 55 -0.79 32.59 12.65
N PHE A 56 -2.10 32.39 12.61
CA PHE A 56 -2.92 32.60 11.42
C PHE A 56 -3.92 33.70 11.69
N LYS A 57 -3.95 34.71 10.81
CA LYS A 57 -5.07 35.64 10.82
C LYS A 57 -6.37 34.88 10.53
N LYS A 58 -7.41 35.16 11.31
CA LYS A 58 -8.67 34.42 11.18
C LYS A 58 -9.18 34.51 9.75
N GLY A 59 -9.21 33.37 9.10
CA GLY A 59 -9.78 33.24 7.77
C GLY A 59 -9.98 31.79 7.45
N THR A 60 -10.36 31.52 6.21
CA THR A 60 -10.53 30.17 5.71
C THR A 60 -9.30 29.80 4.88
N TYR A 61 -8.57 28.78 5.31
CA TYR A 61 -7.40 28.29 4.61
C TYR A 61 -7.69 26.91 4.02
N LYS A 62 -7.25 26.70 2.78
CA LYS A 62 -7.45 25.44 2.08
C LYS A 62 -6.11 24.79 1.79
N PHE A 63 -6.03 23.48 1.99
CA PHE A 63 -4.80 22.72 1.81
C PHE A 63 -5.07 21.52 0.92
N LEU A 64 -4.38 21.45 -0.22
CA LEU A 64 -4.45 20.27 -1.06
C LEU A 64 -3.19 19.43 -0.88
N PRO A 65 -3.28 18.11 -1.10
CA PRO A 65 -2.10 17.25 -0.93
C PRO A 65 -1.20 17.15 -2.15
N GLU A 66 -1.49 17.87 -3.23
CA GLU A 66 -0.75 17.71 -4.47
C GLU A 66 0.72 18.05 -4.27
N TYR A 67 1.00 19.20 -3.65
CA TYR A 67 2.36 19.66 -3.43
C TYR A 67 2.80 19.54 -1.96
N ALA A 68 2.15 18.67 -1.21
CA ALA A 68 2.50 18.44 0.18
C ALA A 68 3.66 17.46 0.29
N SER A 69 4.37 17.55 1.42
CA SER A 69 5.47 16.63 1.69
C SER A 69 4.94 15.21 1.88
N SER A 70 5.76 14.24 1.46
CA SER A 70 5.39 12.84 1.54
C SER A 70 6.47 12.09 2.30
N GLU A 71 6.08 11.43 3.39
CA GLU A 71 6.96 10.57 4.16
C GLU A 71 6.24 9.29 4.50
N TYR A 72 7.00 8.21 4.67
CA TYR A 72 6.44 6.96 5.15
C TYR A 72 6.22 7.07 6.66
N ARG A 73 4.99 6.81 7.09
CA ARG A 73 4.62 6.98 8.48
C ARG A 73 4.04 5.68 9.04
N ARG A 74 4.29 5.45 10.32
CA ARG A 74 3.71 4.34 11.07
C ARG A 74 2.68 4.93 12.03
N ILE A 75 1.42 4.62 11.78
CA ILE A 75 0.30 5.18 12.52
C ILE A 75 -0.45 4.03 13.18
N THR A 76 -0.51 4.04 14.51
CA THR A 76 -1.18 2.96 15.23
C THR A 76 -2.68 2.98 14.95
N ASN A 77 -3.27 1.78 14.94
CA ASN A 77 -4.69 1.58 14.65
C ASN A 77 -5.10 2.23 13.33
N HIS A 78 -4.13 2.48 12.46
CA HIS A 78 -4.33 2.99 11.11
C HIS A 78 -3.50 2.15 10.16
N GLY A 79 -3.59 2.45 8.86
CA GLY A 79 -2.77 1.80 7.88
C GLY A 79 -1.47 2.53 7.64
N ASN A 80 -0.34 1.84 7.80
CA ASN A 80 0.95 2.45 7.50
C ASN A 80 1.10 2.64 6.00
N GLY A 81 1.99 3.54 5.63
CA GLY A 81 2.27 3.78 4.22
C GLY A 81 2.73 5.20 3.99
N LEU A 82 2.97 5.50 2.71
CA LEU A 82 3.36 6.84 2.31
C LEU A 82 2.19 7.80 2.50
N LYS A 83 2.42 8.89 3.21
CA LYS A 83 1.37 9.84 3.56
C LYS A 83 1.71 11.23 3.04
N LYS A 84 0.70 11.92 2.51
CA LYS A 84 0.80 13.35 2.23
C LYS A 84 0.46 14.10 3.50
N ILE A 85 1.41 14.91 3.98
CA ILE A 85 1.28 15.58 5.28
C ILE A 85 1.26 17.09 5.05
N ALA A 86 0.29 17.76 5.66
CA ALA A 86 0.18 19.21 5.54
C ALA A 86 1.07 19.92 6.57
N PHE A 87 0.93 19.54 7.84
CA PHE A 87 1.72 20.12 8.92
C PHE A 87 2.52 19.00 9.59
N SER A 88 3.83 19.01 9.40
CA SER A 88 4.74 18.05 10.03
C SER A 88 5.74 18.83 10.87
N LEU A 89 5.66 18.67 12.19
CA LEU A 89 6.51 19.40 13.13
C LEU A 89 7.24 18.38 14.00
N ASP A 90 8.54 18.24 13.78
CA ASP A 90 9.34 17.20 14.38
C ASP A 90 10.56 17.80 15.08
N GLY A 91 10.74 17.47 16.35
CA GLY A 91 11.96 17.76 17.06
C GLY A 91 11.99 19.07 17.83
N PHE A 92 10.86 19.74 18.00
CA PHE A 92 10.85 21.04 18.65
C PHE A 92 10.89 20.92 20.17
N ASP A 93 11.51 21.91 20.81
CA ASP A 93 11.39 22.03 22.26
C ASP A 93 10.00 22.50 22.65
N SER A 94 9.45 23.45 21.90
CA SER A 94 8.07 23.88 22.08
C SER A 94 7.54 24.34 20.73
N VAL A 95 6.38 23.83 20.34
CA VAL A 95 5.72 24.23 19.11
C VAL A 95 4.28 24.58 19.43
N GLU A 96 3.83 25.75 18.96
CA GLU A 96 2.50 26.25 19.23
C GLU A 96 1.86 26.74 17.93
N ILE A 97 0.59 26.41 17.74
CA ILE A 97 -0.16 26.83 16.57
C ILE A 97 -1.39 27.58 17.06
N GLU A 98 -1.47 28.86 16.75
CA GLU A 98 -2.59 29.73 17.10
C GLU A 98 -3.42 29.96 15.84
N GLY A 99 -4.63 29.42 15.83
CA GLY A 99 -5.50 29.56 14.67
C GLY A 99 -6.35 30.82 14.72
N ALA A 100 -6.58 31.32 15.93
CA ALA A 100 -7.38 32.53 16.14
C ALA A 100 -8.76 32.41 15.51
N GLY A 101 -9.36 31.23 15.63
CA GLY A 101 -10.67 30.98 15.08
C GLY A 101 -10.70 30.67 13.60
N SER A 102 -9.55 30.46 12.98
CA SER A 102 -9.51 30.14 11.56
C SER A 102 -10.14 28.77 11.29
N GLU A 103 -10.49 28.54 10.03
CA GLU A 103 -11.02 27.26 9.58
C GLU A 103 -10.09 26.68 8.54
N PHE A 104 -9.64 25.45 8.77
CA PHE A 104 -8.71 24.77 7.86
C PHE A 104 -9.48 23.72 7.08
N VAL A 105 -9.57 23.91 5.77
CA VAL A 105 -10.26 22.98 4.88
C VAL A 105 -9.21 22.14 4.16
N PHE A 106 -9.34 20.82 4.25
CA PHE A 106 -8.42 19.90 3.62
C PHE A 106 -9.10 19.17 2.48
N HIS A 107 -8.28 18.50 1.67
CA HIS A 107 -8.74 17.92 0.42
C HIS A 107 -8.05 16.58 0.20
N GLY A 108 -8.81 15.60 -0.26
CA GLY A 108 -8.26 14.30 -0.62
C GLY A 108 -7.65 13.56 0.57
N GLN A 109 -6.77 12.63 0.22
CA GLN A 109 -6.07 11.81 1.21
C GLN A 109 -4.86 12.58 1.71
N ILE A 110 -4.97 13.12 2.92
CA ILE A 110 -3.91 13.95 3.49
C ILE A 110 -3.92 13.80 5.01
N ALA A 111 -2.75 13.94 5.61
CA ALA A 111 -2.63 13.98 7.06
C ALA A 111 -2.47 15.43 7.49
N PRO A 112 -3.46 16.02 8.17
CA PRO A 112 -3.39 17.45 8.49
C PRO A 112 -2.23 17.82 9.41
N PHE A 113 -2.10 17.14 10.55
CA PHE A 113 -1.11 17.52 11.55
C PHE A 113 -0.36 16.31 12.07
N GLU A 114 0.94 16.48 12.25
CA GLU A 114 1.81 15.46 12.84
C GLU A 114 2.77 16.16 13.79
N PHE A 115 2.76 15.73 15.05
CA PHE A 115 3.63 16.30 16.09
C PHE A 115 4.51 15.17 16.63
N TYR A 116 5.74 15.10 16.14
CA TYR A 116 6.68 14.03 16.50
C TYR A 116 7.81 14.61 17.34
N ASN A 117 8.09 13.96 18.48
CA ASN A 117 9.27 14.24 19.29
C ASN A 117 9.35 15.71 19.70
N ASN A 118 8.31 16.17 20.38
CA ASN A 118 8.21 17.56 20.84
C ASN A 118 8.02 17.58 22.35
N LYS A 119 8.81 18.39 23.04
CA LYS A 119 8.66 18.51 24.49
C LYS A 119 7.50 19.42 24.88
N SER A 120 6.84 20.06 23.92
CA SER A 120 5.68 20.89 24.20
C SER A 120 4.90 21.09 22.90
N VAL A 121 3.59 20.86 22.94
CA VAL A 121 2.72 21.02 21.78
C VAL A 121 1.45 21.73 22.24
N LYS A 122 1.07 22.77 21.51
CA LYS A 122 -0.17 23.50 21.81
C LYS A 122 -0.82 23.92 20.51
N VAL A 123 -2.07 23.50 20.30
CA VAL A 123 -2.88 23.90 19.17
C VAL A 123 -4.19 24.46 19.71
N SER A 124 -4.58 25.64 19.23
CA SER A 124 -5.72 26.31 19.83
C SER A 124 -6.48 27.12 18.79
N ASN A 125 -7.80 27.17 18.98
CA ASN A 125 -8.71 28.04 18.21
C ASN A 125 -8.63 27.76 16.72
N ILE A 126 -9.03 26.55 16.34
CA ILE A 126 -8.96 26.12 14.94
C ILE A 126 -10.10 25.15 14.65
N THR A 127 -10.53 25.14 13.40
CA THR A 127 -11.58 24.25 12.92
C THR A 127 -11.07 23.50 11.70
N ILE A 128 -11.20 22.17 11.71
CA ILE A 128 -10.69 21.31 10.66
C ILE A 128 -11.86 20.63 9.96
N ASP A 129 -11.86 20.66 8.63
CA ASP A 129 -12.90 20.03 7.83
C ASP A 129 -12.32 19.67 6.47
N TRP A 130 -13.10 18.91 5.71
CA TRP A 130 -12.78 18.55 4.35
C TRP A 130 -13.72 19.25 3.39
N ASP A 131 -13.24 19.53 2.17
CA ASP A 131 -14.11 20.11 1.16
C ASP A 131 -15.09 19.07 0.64
N ILE A 132 -14.63 17.83 0.47
CA ILE A 132 -15.48 16.72 0.06
C ILE A 132 -15.21 15.56 1.01
N PRO A 133 -16.18 15.10 1.77
CA PRO A 133 -15.93 14.01 2.72
C PRO A 133 -15.81 12.66 2.03
N PHE A 134 -15.07 11.77 2.68
CA PHE A 134 -14.87 10.41 2.18
C PHE A 134 -15.96 9.47 2.69
N THR A 135 -17.22 9.86 2.49
CA THR A 135 -18.36 9.06 2.91
C THR A 135 -19.39 9.03 1.79
N PHE A 136 -20.32 8.08 1.90
CA PHE A 136 -21.44 7.96 0.97
C PHE A 136 -22.72 7.84 1.81
N VAL A 137 -23.52 8.89 1.82
CA VAL A 137 -24.75 8.95 2.61
C VAL A 137 -25.93 8.96 1.65
N ALA A 138 -26.92 8.10 1.92
CA ALA A 138 -28.09 7.98 1.07
C ALA A 138 -29.31 7.70 1.93
N GLU A 139 -30.47 8.22 1.50
CA GLU A 139 -31.72 7.95 2.19
C GLU A 139 -32.39 6.74 1.57
N VAL A 140 -32.80 5.79 2.41
CA VAL A 140 -33.40 4.55 1.93
C VAL A 140 -34.85 4.83 1.55
N LEU A 141 -35.20 4.51 0.30
CA LEU A 141 -36.56 4.73 -0.19
C LEU A 141 -37.43 3.48 -0.06
N SER A 142 -36.92 2.33 -0.48
CA SER A 142 -37.66 1.09 -0.40
C SER A 142 -36.68 -0.08 -0.34
N VAL A 143 -37.12 -1.16 0.30
CA VAL A 143 -36.31 -2.36 0.48
C VAL A 143 -37.14 -3.57 0.07
N ASN A 144 -36.56 -4.43 -0.76
CA ASN A 144 -37.22 -5.66 -1.21
C ASN A 144 -36.30 -6.83 -0.88
N GLU A 145 -36.63 -7.55 0.20
CA GLU A 145 -35.80 -8.66 0.63
C GLU A 145 -35.98 -9.88 -0.28
N LYS A 146 -37.13 -9.99 -0.95
CA LYS A 146 -37.38 -11.14 -1.81
C LYS A 146 -36.48 -11.12 -3.03
N LEU A 147 -36.37 -9.98 -3.70
CA LEU A 147 -35.52 -9.86 -4.87
C LEU A 147 -34.08 -9.52 -4.54
N GLY A 148 -33.84 -8.87 -3.40
CA GLY A 148 -32.49 -8.56 -2.97
C GLY A 148 -31.94 -7.26 -3.52
N TYR A 149 -32.68 -6.17 -3.34
CA TYR A 149 -32.21 -4.85 -3.75
C TYR A 149 -32.75 -3.81 -2.79
N ARG A 150 -32.20 -2.61 -2.87
CA ARG A 150 -32.64 -1.48 -2.07
C ARG A 150 -32.50 -0.21 -2.88
N ASP A 151 -33.53 0.65 -2.80
CA ASP A 151 -33.56 1.91 -3.53
C ASP A 151 -33.18 3.03 -2.57
N VAL A 152 -32.15 3.80 -2.94
CA VAL A 152 -31.62 4.85 -2.08
C VAL A 152 -31.47 6.14 -2.88
N ARG A 153 -31.61 7.26 -2.21
CA ARG A 153 -31.37 8.57 -2.80
C ARG A 153 -30.16 9.20 -2.14
N PRO A 154 -29.01 9.27 -2.80
CA PRO A 154 -27.81 9.84 -2.16
C PRO A 154 -27.98 11.32 -1.88
N VAL A 155 -27.55 11.72 -0.68
CA VAL A 155 -27.57 13.13 -0.30
C VAL A 155 -26.48 13.88 -1.06
N LYS A 156 -26.83 15.05 -1.60
CA LYS A 156 -25.88 15.78 -2.42
C LYS A 156 -24.87 16.53 -1.56
N GLY A 157 -25.34 17.52 -0.80
CA GLY A 157 -24.49 18.36 0.03
C GLY A 157 -23.18 18.75 -0.64
N ASP A 158 -22.07 18.36 -0.02
CA ASP A 158 -20.76 18.41 -0.66
C ASP A 158 -20.20 17.01 -0.92
N HIS A 159 -21.05 15.99 -0.82
CA HIS A 159 -20.64 14.63 -1.19
C HIS A 159 -20.42 14.54 -2.69
N GLN A 160 -19.60 13.57 -3.09
CA GLN A 160 -19.30 13.35 -4.50
C GLN A 160 -19.32 11.85 -4.79
N TRP A 161 -19.91 11.49 -5.93
CA TRP A 161 -20.07 10.10 -6.31
C TRP A 161 -20.57 10.05 -7.75
N ASP A 162 -20.37 8.90 -8.38
CA ASP A 162 -20.91 8.65 -9.73
C ASP A 162 -20.99 7.13 -9.92
N LEU A 163 -21.20 6.72 -11.17
CA LEU A 163 -21.31 5.31 -11.52
C LEU A 163 -20.37 5.00 -12.68
N LYS A 164 -19.77 3.81 -12.64
CA LYS A 164 -18.93 3.32 -13.74
C LYS A 164 -18.76 1.82 -13.58
N GLY A 165 -19.07 1.08 -14.62
CA GLY A 165 -19.02 -0.37 -14.55
C GLY A 165 -20.11 -0.99 -13.69
N GLY A 166 -21.26 -0.32 -13.58
CA GLY A 166 -22.32 -0.80 -12.72
C GLY A 166 -21.97 -0.80 -11.25
N LYS A 167 -21.11 0.11 -10.82
CA LYS A 167 -20.59 0.12 -9.46
C LYS A 167 -20.46 1.56 -8.99
N ILE A 168 -20.76 1.79 -7.70
CA ILE A 168 -20.68 3.13 -7.14
C ILE A 168 -19.21 3.49 -6.94
N ARG A 169 -18.84 4.69 -7.40
CA ARG A 169 -17.49 5.22 -7.21
C ARG A 169 -17.57 6.49 -6.37
N PHE A 170 -16.84 6.50 -5.25
CA PHE A 170 -16.82 7.64 -4.36
C PHE A 170 -15.51 7.61 -3.58
N PRO A 171 -14.97 8.79 -3.20
CA PRO A 171 -15.53 10.12 -3.45
C PRO A 171 -15.07 10.76 -4.77
N ASN A 172 -14.29 10.01 -5.55
CA ASN A 172 -13.73 10.52 -6.82
C ASN A 172 -12.96 11.81 -6.60
N VAL A 173 -12.06 11.80 -5.62
CA VAL A 173 -11.24 12.94 -5.27
C VAL A 173 -9.80 12.63 -5.65
N ASP A 174 -9.23 13.45 -6.52
CA ASP A 174 -7.85 13.27 -7.00
C ASP A 174 -7.64 11.87 -7.59
N GLY A 175 -8.68 11.32 -8.22
CA GLY A 175 -8.59 10.02 -8.83
C GLY A 175 -8.68 8.85 -7.88
N PHE A 176 -9.09 9.07 -6.63
CA PHE A 176 -9.25 7.99 -5.67
C PHE A 176 -10.72 7.65 -5.48
N SER A 177 -11.01 6.35 -5.39
CA SER A 177 -12.36 5.88 -5.15
C SER A 177 -12.28 4.52 -4.49
N TYR A 178 -13.13 4.29 -3.49
CA TYR A 178 -13.20 2.98 -2.86
C TYR A 178 -13.78 1.97 -3.83
N ASN A 179 -13.44 0.70 -3.61
CA ASN A 179 -13.97 -0.36 -4.45
C ASN A 179 -15.46 -0.56 -4.19
N TYR A 180 -15.87 -0.47 -2.94
CA TYR A 180 -17.27 -0.68 -2.56
C TYR A 180 -17.64 0.31 -1.45
N LEU A 181 -18.92 0.29 -1.06
CA LEU A 181 -19.36 1.13 0.04
C LEU A 181 -18.80 0.66 1.37
N GLY A 182 -18.45 -0.62 1.48
CA GLY A 182 -17.85 -1.11 2.70
C GLY A 182 -18.87 -1.28 3.82
N SER A 183 -18.39 -1.13 5.05
CA SER A 183 -19.25 -1.25 6.22
C SER A 183 -20.27 -0.13 6.26
N THR A 184 -21.50 -0.48 6.61
CA THR A 184 -22.66 0.40 6.44
C THR A 184 -23.52 0.38 7.68
N LEU A 185 -24.06 1.55 8.05
CA LEU A 185 -24.91 1.67 9.21
C LEU A 185 -26.09 2.59 8.92
N ALA A 186 -27.20 2.34 9.59
CA ALA A 186 -28.44 3.11 9.41
C ALA A 186 -28.54 4.18 10.48
N TRP A 187 -28.91 5.39 10.07
CA TRP A 187 -28.99 6.54 10.97
C TRP A 187 -30.36 7.20 10.85
N ASP A 188 -30.83 7.73 11.97
CA ASP A 188 -32.07 8.51 11.97
C ASP A 188 -31.83 9.85 11.28
N LYS A 189 -32.71 10.20 10.33
CA LYS A 189 -32.48 11.40 9.53
C LYS A 189 -32.70 12.68 10.34
N ASN A 190 -33.53 12.63 11.38
CA ASN A 190 -33.84 13.82 12.15
C ASN A 190 -32.80 14.10 13.23
N GLU A 191 -32.52 13.12 14.08
CA GLU A 191 -31.58 13.29 15.18
C GLU A 191 -30.13 13.07 14.75
N LYS A 192 -29.90 12.48 13.58
CA LYS A 192 -28.56 12.15 13.10
C LYS A 192 -27.81 11.28 14.11
N ARG A 193 -28.49 10.23 14.56
CA ARG A 193 -27.91 9.22 15.42
C ARG A 193 -28.29 7.84 14.90
N VAL A 194 -27.58 6.83 15.40
CA VAL A 194 -27.84 5.46 14.96
C VAL A 194 -29.28 5.07 15.31
N VAL A 195 -29.93 4.37 14.38
CA VAL A 195 -31.32 3.98 14.60
C VAL A 195 -31.42 2.97 15.74
N HIS A 196 -32.63 2.83 16.28
CA HIS A 196 -32.88 1.88 17.35
C HIS A 196 -32.69 0.46 16.84
N GLY A 197 -31.80 -0.29 17.49
CA GLY A 197 -31.51 -1.63 17.05
C GLY A 197 -30.64 -1.72 15.81
N GLY A 198 -29.98 -0.62 15.45
CA GLY A 198 -29.14 -0.65 14.27
C GLY A 198 -27.92 -1.52 14.46
N ILE A 199 -27.47 -2.11 13.36
CA ILE A 199 -26.31 -3.01 13.35
C ILE A 199 -25.50 -2.77 12.10
N ASP A 200 -24.24 -3.19 12.14
CA ASP A 200 -23.31 -2.92 11.06
C ASP A 200 -23.65 -3.75 9.84
N SER A 201 -23.92 -3.08 8.73
CA SER A 201 -24.10 -3.73 7.44
C SER A 201 -22.78 -3.71 6.68
N LYS A 202 -22.63 -4.68 5.77
CA LYS A 202 -21.45 -4.75 4.90
C LYS A 202 -21.94 -4.80 3.46
N SER A 203 -21.79 -3.69 2.74
CA SER A 203 -22.27 -3.56 1.37
C SER A 203 -21.11 -3.76 0.41
N LYS A 204 -21.21 -4.76 -0.46
CA LYS A 204 -20.20 -5.07 -1.47
C LYS A 204 -20.88 -5.32 -2.81
N SER A 205 -21.79 -4.43 -3.20
CA SER A 205 -22.60 -4.65 -4.39
C SER A 205 -21.78 -4.42 -5.66
N ASP A 206 -22.08 -5.23 -6.68
CA ASP A 206 -21.45 -5.11 -7.99
C ASP A 206 -22.41 -4.60 -9.06
N ASP A 207 -23.70 -4.45 -8.74
CA ASP A 207 -24.71 -4.04 -9.72
C ASP A 207 -25.52 -2.89 -9.11
N VAL A 208 -25.24 -1.67 -9.55
CA VAL A 208 -25.96 -0.48 -9.12
C VAL A 208 -26.57 0.17 -10.36
N GLU A 209 -27.88 0.40 -10.32
CA GLU A 209 -28.61 0.98 -11.44
C GLU A 209 -29.03 2.41 -11.14
N ASP A 210 -29.04 3.23 -12.19
CA ASP A 210 -29.50 4.61 -12.10
C ASP A 210 -30.93 4.68 -12.64
N LEU A 211 -31.89 4.93 -11.75
CA LEU A 211 -33.29 5.01 -12.11
C LEU A 211 -33.77 6.43 -12.34
N GLY A 212 -32.85 7.37 -12.51
CA GLY A 212 -33.26 8.76 -12.52
C GLY A 212 -33.67 9.17 -11.11
N ASN A 213 -34.30 10.34 -11.04
CA ASN A 213 -34.76 10.95 -9.79
C ASN A 213 -33.64 11.17 -8.79
N GLY A 214 -32.39 11.00 -9.19
CA GLY A 214 -31.30 10.94 -8.23
C GLY A 214 -31.40 9.75 -7.31
N VAL A 215 -31.93 8.62 -7.80
CA VAL A 215 -32.19 7.43 -6.99
C VAL A 215 -31.44 6.26 -7.61
N LEU A 216 -30.75 5.50 -6.78
CA LEU A 216 -30.01 4.33 -7.21
C LEU A 216 -30.61 3.06 -6.63
N ARG A 217 -30.59 1.98 -7.40
CA ARG A 217 -31.04 0.67 -6.94
C ARG A 217 -29.82 -0.22 -6.79
N ILE A 218 -29.49 -0.54 -5.54
CA ILE A 218 -28.29 -1.30 -5.20
C ILE A 218 -28.68 -2.77 -5.04
N HIS A 219 -28.12 -3.62 -5.90
CA HIS A 219 -28.49 -5.03 -5.95
C HIS A 219 -27.52 -5.85 -5.10
N GLU A 220 -27.98 -6.33 -3.96
CA GLU A 220 -27.27 -7.29 -3.14
C GLU A 220 -28.20 -7.77 -2.03
N ARG A 221 -28.02 -9.03 -1.64
CA ARG A 221 -28.82 -9.63 -0.59
C ARG A 221 -28.11 -9.42 0.75
N LEU A 222 -28.59 -8.47 1.53
CA LEU A 222 -28.00 -8.18 2.82
C LEU A 222 -28.52 -9.18 3.86
N LYS A 223 -27.67 -9.45 4.85
CA LYS A 223 -28.16 -10.16 6.03
C LYS A 223 -29.30 -9.40 6.68
N ASP A 224 -29.08 -8.10 6.95
CA ASP A 224 -30.01 -7.28 7.71
C ASP A 224 -30.09 -5.93 7.00
N TYR A 225 -31.29 -5.61 6.44
CA TYR A 225 -31.50 -4.42 5.60
C TYR A 225 -31.78 -3.18 6.45
N PRO A 226 -31.43 -2.00 5.95
CA PRO A 226 -31.69 -0.76 6.70
C PRO A 226 -33.16 -0.38 6.65
N PRO A 227 -33.67 0.30 7.67
CA PRO A 227 -35.08 0.70 7.66
C PRO A 227 -35.36 1.78 6.64
N VAL A 228 -36.58 1.77 6.11
CA VAL A 228 -37.01 2.77 5.16
C VAL A 228 -37.10 4.13 5.86
N GLY A 229 -36.49 5.14 5.25
CA GLY A 229 -36.45 6.47 5.82
C GLY A 229 -35.16 6.79 6.55
N SER A 230 -34.40 5.78 6.95
CA SER A 230 -33.14 6.00 7.63
C SER A 230 -32.08 6.48 6.65
N LEU A 231 -31.02 7.09 7.19
CA LEU A 231 -29.85 7.48 6.42
C LEU A 231 -28.76 6.44 6.60
N THR A 232 -28.21 5.95 5.49
CA THR A 232 -27.17 4.93 5.54
C THR A 232 -25.81 5.56 5.33
N SER A 233 -24.89 5.28 6.25
CA SER A 233 -23.52 5.76 6.16
C SER A 233 -22.62 4.68 5.58
N SER A 234 -21.60 5.11 4.83
CA SER A 234 -20.63 4.20 4.24
C SER A 234 -19.26 4.86 4.28
N LYS A 235 -18.29 4.18 4.89
CA LYS A 235 -16.94 4.72 5.01
C LYS A 235 -16.03 4.28 3.88
N GLY A 236 -16.35 3.20 3.19
CA GLY A 236 -15.53 2.68 2.12
C GLY A 236 -14.87 1.36 2.48
N ASP A 237 -13.83 1.03 1.73
CA ASP A 237 -13.12 -0.22 1.94
C ASP A 237 -12.36 -0.20 3.26
N ARG A 238 -12.46 -1.29 4.01
CA ARG A 238 -11.79 -1.38 5.30
C ARG A 238 -10.28 -1.28 5.17
N GLU A 239 -9.74 -1.71 4.03
CA GLU A 239 -8.28 -1.79 3.87
C GLU A 239 -7.63 -0.44 3.65
N THR A 240 -8.37 0.60 3.28
CA THR A 240 -7.76 1.87 2.90
C THR A 240 -8.40 3.11 3.51
N HIS A 241 -9.51 2.97 4.25
CA HIS A 241 -10.19 4.17 4.74
C HIS A 241 -9.52 4.76 5.98
N ARG A 242 -8.57 4.06 6.59
CA ARG A 242 -7.82 4.62 7.72
C ARG A 242 -6.48 5.15 7.21
N TYR A 243 -6.56 6.30 6.53
CA TYR A 243 -5.39 6.91 5.93
C TYR A 243 -4.52 7.61 6.97
N ALA A 244 -5.14 8.47 7.79
CA ALA A 244 -4.43 9.21 8.82
C ALA A 244 -5.42 9.92 9.73
N PRO A 245 -5.09 10.12 11.00
CA PRO A 245 -5.95 10.94 11.86
C PRO A 245 -5.75 12.42 11.58
N ALA A 246 -6.72 13.21 12.04
CA ALA A 246 -6.57 14.66 11.94
C ALA A 246 -5.33 15.13 12.68
N PHE A 247 -5.11 14.61 13.89
CA PHE A 247 -3.91 14.88 14.68
C PHE A 247 -3.25 13.57 15.05
N GLN A 248 -1.96 13.46 14.78
CA GLN A 248 -1.15 12.36 15.27
C GLN A 248 -0.02 12.93 16.10
N VAL A 249 0.00 12.56 17.38
CA VAL A 249 1.04 13.01 18.31
C VAL A 249 1.85 11.78 18.71
N LYS A 250 3.15 11.81 18.45
CA LYS A 250 4.04 10.69 18.73
C LYS A 250 5.24 11.19 19.52
N ASN A 251 5.53 10.51 20.64
CA ASN A 251 6.73 10.77 21.44
C ASN A 251 6.84 12.23 21.86
N SER A 252 5.73 12.79 22.33
CA SER A 252 5.68 14.18 22.73
C SER A 252 5.21 14.31 24.17
N LYS A 253 5.45 15.49 24.75
CA LYS A 253 5.10 15.76 26.14
C LYS A 253 4.48 17.14 26.24
N ASN A 254 3.61 17.32 27.23
CA ASN A 254 2.95 18.59 27.51
C ASN A 254 2.18 19.09 26.28
N ILE A 255 1.17 18.30 25.90
CA ILE A 255 0.35 18.60 24.73
C ILE A 255 -0.99 19.13 25.20
N VAL A 256 -1.42 20.26 24.63
CA VAL A 256 -2.67 20.91 25.00
C VAL A 256 -3.45 21.26 23.73
N PHE A 257 -4.70 20.82 23.67
CA PHE A 257 -5.61 21.18 22.59
C PHE A 257 -6.76 21.99 23.20
N ASP A 258 -6.88 23.26 22.79
CA ASP A 258 -7.85 24.18 23.35
C ASP A 258 -8.69 24.75 22.22
N ASN A 259 -10.00 24.51 22.27
CA ASN A 259 -10.93 25.04 21.28
C ASN A 259 -10.57 24.58 19.86
N VAL A 260 -10.46 23.26 19.71
CA VAL A 260 -10.11 22.64 18.43
C VAL A 260 -11.26 21.75 18.00
N VAL A 261 -11.90 22.09 16.89
CA VAL A 261 -13.07 21.39 16.39
C VAL A 261 -12.69 20.64 15.12
N ILE A 262 -13.05 19.36 15.06
CA ILE A 262 -12.78 18.52 13.89
C ILE A 262 -14.12 18.10 13.30
N HIS A 263 -14.37 18.49 12.05
CA HIS A 263 -15.58 18.07 11.35
C HIS A 263 -15.36 16.86 10.46
N HIS A 264 -14.13 16.61 10.02
CA HIS A 264 -13.84 15.42 9.23
C HIS A 264 -12.38 15.04 9.38
N ALA A 265 -12.10 13.76 9.15
CA ALA A 265 -10.76 13.20 9.15
C ALA A 265 -10.82 11.80 8.53
N LEU A 266 -9.81 11.47 7.74
CA LEU A 266 -9.71 10.15 7.11
C LEU A 266 -9.14 9.14 8.11
N GLY A 267 -9.81 9.07 9.27
CA GLY A 267 -9.37 8.24 10.36
C GLY A 267 -9.87 8.77 11.69
N MET A 268 -8.98 8.86 12.67
CA MET A 268 -9.35 9.31 14.00
C MET A 268 -9.22 10.83 14.11
N GLY A 269 -9.81 11.37 15.17
CA GLY A 269 -9.71 12.80 15.41
C GLY A 269 -8.39 13.20 16.07
N PHE A 270 -8.19 12.75 17.31
CA PHE A 270 -6.97 13.02 18.06
C PHE A 270 -6.33 11.68 18.43
N LEU A 271 -5.17 11.40 17.84
CA LEU A 271 -4.45 10.15 18.10
C LEU A 271 -3.11 10.46 18.76
N PHE A 272 -2.85 9.80 19.88
CA PHE A 272 -1.63 10.00 20.65
C PHE A 272 -0.92 8.66 20.83
N GLU A 273 0.36 8.63 20.51
CA GLU A 273 1.17 7.41 20.61
C GLU A 273 2.41 7.71 21.45
N LYS A 274 2.55 6.99 22.56
CA LYS A 274 3.73 7.08 23.41
C LYS A 274 4.03 8.52 23.83
N SER A 275 3.01 9.20 24.33
CA SER A 275 3.11 10.59 24.72
C SER A 275 2.79 10.77 26.19
N GLU A 276 2.98 11.99 26.69
CA GLU A 276 2.88 12.26 28.11
C GLU A 276 2.21 13.60 28.36
N ASP A 277 1.35 13.65 29.37
CA ASP A 277 0.73 14.88 29.87
C ASP A 277 -0.07 15.58 28.75
N ILE A 278 -1.14 14.91 28.35
CA ILE A 278 -2.02 15.36 27.26
C ILE A 278 -3.26 16.01 27.86
N GLN A 279 -3.68 17.13 27.27
CA GLN A 279 -4.89 17.83 27.68
C GLN A 279 -5.74 18.16 26.45
N ILE A 280 -7.02 17.82 26.51
CA ILE A 280 -7.98 18.15 25.46
C ILE A 280 -9.08 18.97 26.13
N LEU A 281 -9.07 20.29 25.91
CA LEU A 281 -9.98 21.20 26.59
C LEU A 281 -10.76 22.02 25.56
N ASN A 282 -12.06 22.18 25.81
CA ASN A 282 -12.94 23.00 24.98
C ASN A 282 -12.90 22.61 23.50
N SER A 283 -12.44 21.40 23.22
CA SER A 283 -12.32 20.89 21.86
C SER A 283 -13.53 20.02 21.53
N GLY A 284 -13.49 19.36 20.38
CA GLY A 284 -14.58 18.47 20.03
C GLY A 284 -14.46 17.97 18.62
N VAL A 285 -15.27 16.94 18.33
CA VAL A 285 -15.40 16.36 17.01
C VAL A 285 -16.89 16.12 16.77
N TYR A 286 -17.49 16.89 15.87
CA TYR A 286 -18.93 16.80 15.63
C TYR A 286 -19.24 17.39 14.26
N LEU A 287 -20.51 17.32 13.89
CA LEU A 287 -20.97 17.87 12.62
C LEU A 287 -21.06 19.39 12.68
N ARG A 288 -20.83 20.02 11.54
CA ARG A 288 -21.06 21.45 11.39
C ARG A 288 -22.55 21.70 11.27
N ASP A 289 -23.09 22.57 12.11
CA ASP A 289 -24.53 22.79 12.08
C ASP A 289 -24.93 23.52 10.79
N GLY A 290 -26.12 23.21 10.29
CA GLY A 290 -26.56 23.69 9.01
C GLY A 290 -26.07 22.87 7.83
N SER A 291 -25.06 22.04 8.02
CA SER A 291 -24.53 21.22 6.93
C SER A 291 -25.41 19.99 6.72
N GLU A 292 -25.11 19.26 5.64
CA GLU A 292 -25.80 18.02 5.30
C GLU A 292 -24.91 16.80 5.54
N ARG A 293 -23.94 16.92 6.44
CA ARG A 293 -23.06 15.81 6.79
C ARG A 293 -23.73 14.90 7.81
N LEU A 294 -23.32 13.63 7.79
CA LEU A 294 -23.81 12.65 8.74
C LEU A 294 -22.72 12.10 9.66
N ILE A 295 -21.49 11.97 9.17
CA ILE A 295 -20.37 11.45 9.93
C ILE A 295 -19.38 12.57 10.16
N SER A 296 -18.77 12.60 11.36
CA SER A 296 -17.73 13.58 11.66
C SER A 296 -16.36 13.00 11.34
N THR A 297 -15.95 11.95 12.06
CA THR A 297 -14.72 11.23 11.76
C THR A 297 -15.05 9.78 11.47
N THR A 298 -14.27 9.18 10.59
CA THR A 298 -14.49 7.79 10.20
C THR A 298 -13.93 6.80 11.22
N ALA A 299 -13.35 7.28 12.31
CA ALA A 299 -12.79 6.40 13.34
C ALA A 299 -12.89 7.12 14.69
N ASP A 300 -12.11 6.66 15.66
CA ASP A 300 -12.21 7.15 17.03
C ASP A 300 -12.07 8.67 17.10
N ALA A 301 -12.84 9.29 17.99
CA ALA A 301 -12.67 10.71 18.25
C ALA A 301 -11.32 10.98 18.90
N THR A 302 -11.05 10.32 20.02
CA THR A 302 -9.77 10.44 20.70
C THR A 302 -9.22 9.06 20.97
N HIS A 303 -7.88 8.95 20.94
CA HIS A 303 -7.21 7.66 21.05
C HIS A 303 -5.86 7.86 21.70
N PHE A 304 -5.56 7.01 22.70
CA PHE A 304 -4.33 7.13 23.49
C PHE A 304 -3.69 5.75 23.58
N ALA A 305 -2.64 5.54 22.78
CA ALA A 305 -1.96 4.25 22.68
C ALA A 305 -0.65 4.30 23.45
N ASN A 306 -0.62 3.63 24.61
CA ASN A 306 0.57 3.52 25.44
C ASN A 306 1.14 4.90 25.78
N CYS A 307 0.27 5.79 26.21
CA CYS A 307 0.68 7.07 26.76
C CYS A 307 0.99 6.92 28.25
N LYS A 308 1.61 7.94 28.82
CA LYS A 308 1.89 7.96 30.25
C LYS A 308 1.71 9.39 30.76
N GLY A 309 1.96 9.58 32.06
CA GLY A 309 1.64 10.85 32.68
C GLY A 309 0.16 10.98 32.92
N ASP A 310 -0.41 12.15 32.63
CA ASP A 310 -1.82 12.41 32.87
C ASP A 310 -2.52 12.76 31.56
N ILE A 311 -3.76 12.30 31.43
CA ILE A 311 -4.62 12.62 30.30
C ILE A 311 -5.89 13.25 30.83
N LEU A 312 -6.23 14.43 30.33
CA LEU A 312 -7.40 15.16 30.78
C LEU A 312 -8.25 15.57 29.59
N ILE A 313 -9.53 15.21 29.63
CA ILE A 313 -10.51 15.63 28.63
C ILE A 313 -11.60 16.40 29.38
N GLU A 314 -11.78 17.66 29.04
CA GLU A 314 -12.68 18.53 29.79
C GLU A 314 -13.38 19.50 28.84
N ASN A 315 -14.67 19.72 29.09
CA ASN A 315 -15.47 20.73 28.39
C ASN A 315 -15.49 20.48 26.88
N SER A 316 -15.50 19.20 26.50
CA SER A 316 -15.43 18.81 25.09
C SER A 316 -16.75 18.17 24.66
N ARG A 317 -16.81 17.82 23.37
CA ARG A 317 -18.05 17.37 22.76
C ARG A 317 -17.72 16.51 21.55
N PHE A 318 -18.05 15.22 21.61
CA PHE A 318 -17.72 14.28 20.55
C PHE A 318 -18.97 13.56 20.09
N GLU A 319 -19.34 13.74 18.82
CA GLU A 319 -20.52 13.07 18.29
C GLU A 319 -20.35 12.79 16.81
N ASN A 320 -21.13 11.82 16.33
CA ASN A 320 -21.24 11.47 14.91
C ASN A 320 -19.94 10.90 14.35
N MET A 321 -19.12 10.30 15.20
CA MET A 321 -17.99 9.54 14.72
C MET A 321 -18.45 8.12 14.36
N LEU A 322 -17.63 7.44 13.56
CA LEU A 322 -17.89 6.06 13.20
C LEU A 322 -17.21 5.07 14.13
N ASN A 323 -16.63 5.55 15.23
CA ASN A 323 -15.98 4.67 16.20
C ASN A 323 -15.98 5.36 17.56
N ASP A 324 -15.17 4.83 18.48
CA ASP A 324 -15.26 5.19 19.89
C ASP A 324 -15.03 6.68 20.10
N GLY A 325 -15.63 7.22 21.18
CA GLY A 325 -15.33 8.58 21.58
C GLY A 325 -13.95 8.70 22.21
N ALA A 326 -13.54 7.68 22.97
CA ALA A 326 -12.24 7.68 23.61
C ALA A 326 -11.81 6.24 23.86
N ASN A 327 -10.51 6.00 23.69
CA ASN A 327 -9.93 4.68 23.99
C ASN A 327 -8.50 4.91 24.47
N VAL A 328 -8.29 4.72 25.78
CA VAL A 328 -6.96 4.80 26.37
C VAL A 328 -6.53 3.37 26.70
N HIS A 329 -5.44 2.94 26.08
CA HIS A 329 -5.03 1.54 26.16
C HIS A 329 -3.55 1.42 25.85
N GLY A 330 -3.01 0.24 26.13
CA GLY A 330 -1.65 -0.09 25.77
C GLY A 330 -1.59 -1.23 24.77
N THR A 331 -0.41 -1.80 24.57
CA THR A 331 -0.21 -2.84 23.57
C THR A 331 0.20 -4.15 24.26
N TYR A 332 -0.37 -5.25 23.79
CA TYR A 332 0.02 -6.59 24.20
C TYR A 332 0.90 -7.18 23.11
N THR A 333 2.14 -7.52 23.46
CA THR A 333 3.05 -8.19 22.54
C THR A 333 3.22 -9.64 22.94
N ILE A 334 3.45 -10.50 21.94
CA ILE A 334 3.50 -11.94 22.13
C ILE A 334 4.96 -12.39 22.06
N VAL A 335 5.39 -13.16 23.05
CA VAL A 335 6.74 -13.72 23.03
C VAL A 335 6.87 -14.69 21.86
N ASP A 336 7.87 -14.47 21.01
CA ASP A 336 8.12 -15.34 19.87
C ASP A 336 9.31 -16.26 20.09
N LYS A 337 10.43 -15.72 20.55
CA LYS A 337 11.63 -16.51 20.76
C LYS A 337 12.44 -15.90 21.90
N ILE A 338 13.12 -16.76 22.64
CA ILE A 338 14.05 -16.35 23.69
C ILE A 338 15.46 -16.36 23.10
N ILE A 339 16.09 -15.19 23.03
CA ILE A 339 17.39 -15.09 22.38
C ILE A 339 18.51 -15.52 23.33
N ASP A 340 18.54 -14.96 24.53
CA ASP A 340 19.49 -15.38 25.55
C ASP A 340 18.84 -15.16 26.91
N SER A 341 19.65 -15.18 27.97
CA SER A 341 19.14 -15.04 29.33
C SER A 341 18.51 -13.67 29.58
N HIS A 342 18.83 -12.66 28.77
CA HIS A 342 18.34 -11.31 28.98
C HIS A 342 17.58 -10.73 27.79
N THR A 343 17.44 -11.48 26.70
CA THR A 343 16.89 -10.94 25.46
C THR A 343 15.71 -11.80 25.00
N VAL A 344 14.62 -11.15 24.62
CA VAL A 344 13.41 -11.80 24.13
C VAL A 344 12.95 -11.06 22.88
N MET A 345 12.42 -11.80 21.91
CA MET A 345 11.86 -11.23 20.69
C MET A 345 10.34 -11.37 20.73
N VAL A 346 9.64 -10.26 20.57
CA VAL A 346 8.18 -10.24 20.65
C VAL A 346 7.61 -9.86 19.28
N LYS A 347 6.32 -10.15 19.11
CA LYS A 347 5.62 -9.88 17.87
C LYS A 347 4.32 -9.14 18.17
N PHE A 348 3.93 -8.25 17.26
CA PHE A 348 2.66 -7.56 17.38
C PHE A 348 1.52 -8.49 16.95
N GLY A 349 0.37 -8.32 17.60
CA GLY A 349 -0.75 -9.21 17.37
C GLY A 349 -1.69 -8.77 16.28
N HIS A 350 -1.93 -7.47 16.16
CA HIS A 350 -2.85 -6.92 15.17
C HIS A 350 -2.06 -6.28 14.04
N PHE A 351 -2.59 -6.40 12.82
CA PHE A 351 -1.86 -5.92 11.64
C PHE A 351 -1.68 -4.41 11.66
N GLU A 352 -2.65 -3.67 12.22
CA GLU A 352 -2.53 -2.22 12.30
C GLU A 352 -1.69 -1.77 13.49
N GLN A 353 -1.09 -2.69 14.23
CA GLN A 353 -0.18 -2.36 15.32
C GLN A 353 1.29 -2.46 14.91
N THR A 354 1.59 -3.09 13.78
CA THR A 354 2.97 -3.22 13.34
C THR A 354 3.56 -1.85 13.04
N GLY A 355 4.82 -1.65 13.44
CA GLY A 355 5.46 -0.36 13.34
C GLY A 355 5.39 0.47 14.61
N PHE A 356 4.63 0.04 15.60
CA PHE A 356 4.51 0.77 16.85
C PHE A 356 5.83 0.73 17.62
N GLU A 357 6.14 1.85 18.28
CA GLU A 357 7.32 1.92 19.15
C GLU A 357 6.90 1.38 20.52
N PHE A 358 7.08 0.08 20.71
CA PHE A 358 6.55 -0.58 21.90
C PHE A 358 7.25 -0.11 23.17
N THR A 359 8.58 -0.12 23.16
CA THR A 359 9.33 0.18 24.38
C THR A 359 10.66 0.81 24.03
N GLY A 360 11.44 1.10 25.07
CA GLY A 360 12.76 1.67 24.92
C GLY A 360 13.53 1.52 26.22
N GLN A 361 14.71 2.13 26.25
CA GLN A 361 15.57 2.04 27.43
C GLN A 361 14.85 2.60 28.66
N ASP A 362 15.07 1.93 29.79
CA ASP A 362 14.56 2.33 31.11
C ASP A 362 13.05 2.18 31.23
N ASP A 363 12.42 1.39 30.37
CA ASP A 363 11.00 1.08 30.49
C ASP A 363 10.80 -0.16 31.35
N GLU A 364 9.80 -0.11 32.21
CA GLU A 364 9.40 -1.28 32.99
C GLU A 364 8.34 -2.06 32.23
N ILE A 365 8.47 -3.38 32.23
CA ILE A 365 7.60 -4.25 31.44
C ILE A 365 7.04 -5.35 32.34
N TRP A 366 5.74 -5.61 32.19
CA TRP A 366 5.10 -6.73 32.86
C TRP A 366 5.19 -7.99 32.01
N PHE A 367 5.49 -9.11 32.65
CA PHE A 367 5.50 -10.41 32.00
C PHE A 367 4.23 -11.17 32.39
N ILE A 368 3.59 -11.77 31.40
CA ILE A 368 2.35 -12.52 31.60
C ILE A 368 2.54 -13.91 31.00
N HIS A 369 2.49 -14.92 31.86
CA HIS A 369 2.79 -16.30 31.46
C HIS A 369 1.51 -17.10 31.31
N GLN A 370 1.42 -17.87 30.23
CA GLN A 370 0.27 -18.74 30.03
C GLN A 370 0.24 -19.81 31.11
N PRO A 371 -0.95 -20.22 31.59
CA PRO A 371 -2.25 -19.67 31.20
C PRO A 371 -2.79 -18.65 32.19
N ASN A 372 -1.92 -18.04 32.97
CA ASN A 372 -2.32 -17.07 34.00
C ASN A 372 -2.35 -15.67 33.40
N THR A 373 -3.48 -14.99 33.58
CA THR A 373 -3.71 -13.69 32.95
C THR A 373 -3.13 -12.53 33.75
N LYS A 374 -2.68 -12.75 34.97
CA LYS A 374 -2.24 -11.64 35.82
C LYS A 374 -0.82 -11.22 35.48
N ARG A 375 -0.47 -10.02 35.93
CA ARG A 375 0.88 -9.49 35.76
C ARG A 375 1.81 -10.18 36.76
N GLU A 376 2.73 -11.01 36.26
CA GLU A 376 3.54 -11.84 37.13
C GLU A 376 4.73 -11.08 37.71
N SER A 377 5.62 -10.60 36.85
CA SER A 377 6.86 -9.99 37.29
C SER A 377 7.14 -8.74 36.47
N VAL A 378 8.10 -7.93 36.94
CA VAL A 378 8.48 -6.68 36.32
C VAL A 378 9.97 -6.72 36.02
N ASN A 379 10.35 -6.19 34.86
CA ASN A 379 11.74 -6.06 34.46
C ASN A 379 11.92 -4.73 33.74
N THR A 380 13.18 -4.30 33.63
CA THR A 380 13.52 -3.01 33.04
C THR A 380 14.33 -3.22 31.76
N VAL A 381 14.01 -2.45 30.73
CA VAL A 381 14.62 -2.61 29.42
C VAL A 381 15.97 -1.93 29.40
N GLU A 382 16.97 -2.62 28.86
CA GLU A 382 18.29 -2.05 28.64
C GLU A 382 18.43 -1.44 27.25
N SER A 383 18.06 -2.19 26.22
CA SER A 383 18.16 -1.73 24.85
C SER A 383 17.09 -2.43 24.01
N VAL A 384 16.92 -1.95 22.79
CA VAL A 384 15.92 -2.47 21.86
C VAL A 384 16.54 -2.55 20.47
N ASN A 385 16.33 -3.68 19.80
CA ASN A 385 16.76 -3.88 18.41
C ASN A 385 15.51 -4.22 17.60
N VAL A 386 15.01 -3.24 16.85
CA VAL A 386 13.83 -3.46 16.02
C VAL A 386 14.26 -4.24 14.79
N ILE A 387 13.73 -5.45 14.64
CA ILE A 387 14.04 -6.29 13.48
C ILE A 387 13.25 -5.83 12.27
N ASN A 388 11.93 -5.74 12.41
CA ASN A 388 11.06 -5.16 11.39
C ASN A 388 9.86 -4.55 12.11
N GLU A 389 8.84 -4.17 11.33
CA GLU A 389 7.67 -3.55 11.94
C GLU A 389 6.86 -4.52 12.78
N ALA A 390 7.09 -5.83 12.63
CA ALA A 390 6.33 -6.84 13.36
C ALA A 390 7.08 -7.39 14.57
N TYR A 391 8.39 -7.58 14.46
CA TYR A 391 9.19 -8.23 15.49
C TYR A 391 10.13 -7.24 16.16
N THR A 392 10.25 -7.36 17.48
CA THR A 392 11.08 -6.47 18.28
C THR A 392 11.93 -7.29 19.24
N GLN A 393 13.23 -7.03 19.25
CA GLN A 393 14.15 -7.68 20.18
C GLN A 393 14.41 -6.75 21.35
N ILE A 394 14.17 -7.24 22.56
CA ILE A 394 14.29 -6.44 23.78
C ILE A 394 15.31 -7.10 24.70
N LYS A 395 16.31 -6.33 25.10
CA LYS A 395 17.30 -6.77 26.07
C LYS A 395 17.02 -6.08 27.40
N PHE A 396 16.88 -6.88 28.45
CA PHE A 396 16.52 -6.38 29.77
C PHE A 396 17.74 -6.28 30.68
N LYS A 397 17.66 -5.40 31.67
CA LYS A 397 18.77 -5.21 32.60
C LYS A 397 18.92 -6.41 33.52
N ASN A 398 17.82 -7.03 33.92
CA ASN A 398 17.83 -8.19 34.80
C ASN A 398 17.53 -9.45 34.01
N ARG A 399 17.74 -10.59 34.67
CA ARG A 399 17.52 -11.88 34.02
C ARG A 399 16.05 -12.08 33.69
N LEU A 400 15.81 -12.72 32.55
CA LEU A 400 14.45 -13.02 32.12
C LEU A 400 13.81 -14.06 33.04
N PRO A 401 12.48 -14.09 33.11
CA PRO A 401 11.82 -15.14 33.89
C PRO A 401 12.13 -16.52 33.33
N LYS A 402 12.39 -17.46 34.24
CA LYS A 402 12.77 -18.81 33.83
C LYS A 402 11.64 -19.50 33.06
N GLN A 403 10.39 -19.18 33.37
CA GLN A 403 9.24 -19.82 32.75
C GLN A 403 8.77 -19.10 31.49
N LEU A 404 9.54 -18.12 31.01
CA LEU A 404 9.16 -17.39 29.80
C LEU A 404 9.16 -18.33 28.60
N ALA A 405 8.04 -18.38 27.89
CA ALA A 405 7.88 -19.27 26.75
C ALA A 405 7.15 -18.56 25.63
N LYS A 406 7.23 -19.15 24.44
CA LYS A 406 6.51 -18.61 23.29
C LYS A 406 5.01 -18.60 23.56
N GLY A 407 4.36 -17.50 23.19
CA GLY A 407 2.96 -17.30 23.48
C GLY A 407 2.69 -16.45 24.70
N ASP A 408 3.67 -16.31 25.60
CA ASP A 408 3.52 -15.40 26.73
C ASP A 408 3.42 -13.96 26.25
N LEU A 409 3.01 -13.08 27.15
CA LEU A 409 2.73 -11.71 26.81
C LEU A 409 3.65 -10.75 27.56
N LEU A 410 3.96 -9.64 26.90
CA LEU A 410 4.64 -8.51 27.52
C LEU A 410 3.71 -7.31 27.50
N GLU A 411 3.60 -6.63 28.63
CA GLU A 411 2.82 -5.40 28.74
C GLU A 411 3.73 -4.30 29.28
N ASN A 412 3.68 -3.13 28.64
CA ASN A 412 4.50 -2.01 29.08
C ASN A 412 3.93 -1.43 30.37
N LYS A 413 4.74 -1.40 31.42
CA LYS A 413 4.33 -0.86 32.70
C LYS A 413 4.56 0.64 32.81
N THR A 414 5.67 1.13 32.24
CA THR A 414 5.98 2.55 32.32
C THR A 414 4.93 3.39 31.59
N TRP A 415 4.55 2.96 30.38
CA TRP A 415 3.67 3.77 29.54
C TRP A 415 2.22 3.38 29.78
N ASN A 416 1.70 3.88 30.90
CA ASN A 416 0.29 3.77 31.25
C ASN A 416 -0.08 5.12 31.88
N PRO A 417 -1.12 5.77 31.39
CA PRO A 417 -1.48 7.10 31.90
C PRO A 417 -2.56 7.08 32.97
N THR A 418 -2.67 8.18 33.71
CA THR A 418 -3.91 8.48 34.42
C THR A 418 -4.88 9.15 33.46
N PHE A 419 -6.17 8.92 33.67
CA PHE A 419 -7.19 9.35 32.72
C PHE A 419 -8.31 10.06 33.47
N THR A 420 -8.71 11.23 32.96
CA THR A 420 -9.80 12.00 33.55
C THR A 420 -10.62 12.63 32.44
N MET A 421 -11.91 12.31 32.41
CA MET A 421 -12.86 12.91 31.48
C MET A 421 -14.01 13.52 32.27
N ARG A 422 -14.15 14.84 32.21
CA ARG A 422 -15.16 15.54 32.99
C ARG A 422 -15.81 16.63 32.15
N LYS A 423 -17.08 16.90 32.44
CA LYS A 423 -17.86 17.95 31.78
C LYS A 423 -17.79 17.84 30.26
N THR A 424 -17.90 16.61 29.76
CA THR A 424 -17.78 16.32 28.34
C THR A 424 -19.06 15.66 27.83
N ILE A 425 -19.42 15.98 26.59
CA ILE A 425 -20.61 15.43 25.94
C ILE A 425 -20.17 14.44 24.88
N ILE A 426 -20.71 13.22 24.94
CA ILE A 426 -20.45 12.19 23.95
C ILE A 426 -21.78 11.52 23.63
N LYS A 427 -22.24 11.66 22.38
CA LYS A 427 -23.55 11.14 22.00
C LYS A 427 -23.58 10.91 20.50
N ASN A 428 -24.63 10.21 20.05
CA ASN A 428 -25.01 10.11 18.65
C ASN A 428 -23.83 9.71 17.75
N HIS A 429 -23.31 8.51 17.99
CA HIS A 429 -22.24 7.98 17.16
C HIS A 429 -22.26 6.45 17.25
N ARG A 430 -21.49 5.81 16.36
CA ARG A 430 -21.48 4.35 16.23
C ARG A 430 -20.27 3.79 16.96
N ALA A 431 -20.35 3.78 18.30
CA ALA A 431 -19.48 2.94 19.12
C ALA A 431 -19.79 3.01 20.60
N ARG A 432 -18.91 2.39 21.38
CA ARG A 432 -18.82 2.67 22.80
C ARG A 432 -18.44 4.13 23.03
N ASN A 433 -18.98 4.70 24.11
CA ASN A 433 -18.64 6.09 24.45
C ASN A 433 -17.19 6.20 24.90
N VAL A 434 -16.84 5.50 25.97
CA VAL A 434 -15.51 5.54 26.56
C VAL A 434 -15.02 4.11 26.77
N VAL A 435 -13.80 3.84 26.34
CA VAL A 435 -13.17 2.53 26.53
C VAL A 435 -11.93 2.73 27.39
N LEU A 436 -11.93 2.13 28.57
CA LEU A 436 -10.90 2.36 29.59
C LEU A 436 -10.04 1.12 29.74
N LYS A 437 -8.76 1.24 29.39
CA LYS A 437 -7.78 0.16 29.51
C LYS A 437 -6.49 0.68 30.13
N THR A 438 -6.60 1.39 31.25
CA THR A 438 -5.39 1.83 31.91
C THR A 438 -5.37 1.38 33.36
N PRO A 439 -4.24 0.85 33.86
CA PRO A 439 -4.18 0.39 35.24
C PRO A 439 -4.03 1.50 36.28
N LEU A 440 -3.84 2.75 35.84
CA LEU A 440 -3.68 3.85 36.76
C LEU A 440 -5.04 4.47 37.11
N LYS A 441 -5.01 5.55 37.89
CA LYS A 441 -6.24 6.15 38.38
C LYS A 441 -7.05 6.75 37.24
N THR A 442 -8.32 6.35 37.15
CA THR A 442 -9.23 6.83 36.12
C THR A 442 -10.45 7.44 36.78
N VAL A 443 -10.82 8.65 36.35
CA VAL A 443 -11.98 9.36 36.88
C VAL A 443 -12.85 9.79 35.71
N ILE A 444 -14.12 9.38 35.72
CA ILE A 444 -15.09 9.73 34.69
C ILE A 444 -16.27 10.35 35.42
N GLU A 445 -16.37 11.68 35.39
CA GLU A 445 -17.34 12.37 36.23
C GLU A 445 -18.01 13.52 35.47
N GLU A 446 -19.27 13.78 35.83
CA GLU A 446 -20.01 14.96 35.40
C GLU A 446 -20.08 15.08 33.88
N ASN A 447 -20.28 13.94 33.21
CA ASN A 447 -20.41 13.91 31.76
C ASN A 447 -21.82 13.57 31.35
N PHE A 448 -22.18 14.00 30.14
CA PHE A 448 -23.42 13.58 29.48
C PHE A 448 -23.07 12.52 28.46
N PHE A 449 -23.67 11.33 28.60
CA PHE A 449 -23.32 10.18 27.77
C PHE A 449 -24.56 9.66 27.04
N SER A 450 -24.34 9.20 25.80
CA SER A 450 -25.38 8.58 25.00
C SER A 450 -24.69 7.74 23.94
N SER A 451 -24.96 6.44 23.91
CA SER A 451 -24.21 5.53 23.06
C SER A 451 -25.12 4.50 22.43
N MET A 452 -24.89 4.24 21.15
CA MET A 452 -25.56 3.13 20.47
C MET A 452 -25.20 1.81 21.13
N MET A 453 -23.90 1.56 21.29
CA MET A 453 -23.38 0.39 21.98
C MET A 453 -23.14 0.75 23.45
N SER A 454 -22.37 -0.06 24.17
CA SER A 454 -22.05 0.22 25.56
C SER A 454 -21.51 1.63 25.73
N SER A 455 -21.69 2.18 26.93
CA SER A 455 -21.21 3.54 27.20
C SER A 455 -19.79 3.52 27.79
N ILE A 456 -19.62 2.86 28.92
CA ILE A 456 -18.30 2.66 29.52
C ILE A 456 -17.97 1.19 29.37
N LEU A 457 -16.94 0.90 28.58
CA LEU A 457 -16.57 -0.47 28.24
C LEU A 457 -15.15 -0.77 28.71
N PHE A 458 -14.99 -1.95 29.32
CA PHE A 458 -13.68 -2.50 29.66
C PHE A 458 -13.50 -3.79 28.87
N ARG A 459 -12.53 -3.81 27.96
CA ARG A 459 -12.24 -5.02 27.18
C ARG A 459 -10.72 -5.17 27.09
N GLY A 460 -10.15 -5.88 28.06
CA GLY A 460 -8.80 -6.37 27.89
C GLY A 460 -8.79 -7.44 26.81
N GLU A 461 -7.91 -7.29 25.83
CA GLU A 461 -7.97 -8.08 24.61
C GLU A 461 -6.62 -8.73 24.34
N THR A 462 -6.60 -10.07 24.34
CA THR A 462 -5.44 -10.83 23.89
C THR A 462 -5.84 -11.82 22.79
N PHE A 463 -7.00 -11.62 22.17
CA PHE A 463 -7.54 -12.53 21.18
C PHE A 463 -7.34 -12.04 19.75
N PHE A 464 -7.76 -10.81 19.46
CA PHE A 464 -7.62 -10.25 18.12
C PHE A 464 -6.96 -8.88 18.10
N TRP A 465 -7.25 -8.02 19.08
CA TRP A 465 -6.76 -6.65 19.05
C TRP A 465 -5.46 -6.47 19.81
N TYR A 466 -5.22 -7.30 20.82
CA TYR A 466 -4.00 -7.24 21.64
C TYR A 466 -3.77 -5.85 22.20
N GLU A 467 -4.77 -5.37 22.94
CA GLU A 467 -4.72 -4.09 23.63
C GLU A 467 -4.75 -4.35 25.13
N SER A 468 -3.69 -3.93 25.83
CA SER A 468 -3.55 -4.20 27.25
C SER A 468 -4.37 -3.23 28.07
N GLY A 469 -4.27 -3.33 29.39
CA GLY A 469 -5.06 -2.45 30.25
C GLY A 469 -6.05 -3.05 31.23
N ALA A 470 -5.72 -4.19 31.83
CA ALA A 470 -6.42 -4.61 33.04
C ALA A 470 -6.39 -3.47 34.07
N VAL A 471 -7.57 -3.01 34.48
CA VAL A 471 -7.67 -1.78 35.26
C VAL A 471 -7.58 -2.11 36.75
N GLU A 472 -7.18 -1.10 37.53
CA GLU A 472 -7.07 -1.26 38.98
C GLU A 472 -7.64 -0.11 39.78
N ASP A 473 -8.00 1.02 39.18
CA ASP A 473 -8.60 2.15 39.91
C ASP A 473 -9.42 2.96 38.92
N VAL A 474 -10.74 2.77 38.95
CA VAL A 474 -11.66 3.47 38.04
C VAL A 474 -12.83 3.98 38.85
N LEU A 475 -13.20 5.25 38.63
CA LEU A 475 -14.30 5.89 39.34
C LEU A 475 -15.19 6.59 38.32
N ILE A 476 -16.46 6.19 38.27
CA ILE A 476 -17.44 6.75 37.35
C ILE A 476 -18.59 7.29 38.20
N ARG A 477 -18.62 8.60 38.41
CA ARG A 477 -19.57 9.21 39.32
C ARG A 477 -20.21 10.44 38.70
N ASN A 478 -21.44 10.72 39.14
CA ASN A 478 -22.15 11.96 38.82
C ASN A 478 -22.28 12.19 37.32
N ASN A 479 -22.39 11.13 36.54
CA ASN A 479 -22.57 11.23 35.10
C ASN A 479 -24.03 11.00 34.72
N THR A 480 -24.38 11.48 33.53
CA THR A 480 -25.74 11.34 33.00
C THR A 480 -25.69 10.44 31.78
N PHE A 481 -26.38 9.30 31.85
CA PHE A 481 -26.50 8.37 30.74
C PHE A 481 -27.92 8.42 30.22
N ASP A 482 -28.07 8.85 28.96
CA ASP A 482 -29.38 8.99 28.33
C ASP A 482 -29.37 8.25 27.00
N TYR A 483 -30.31 7.33 26.83
CA TYR A 483 -30.46 6.55 25.60
C TYR A 483 -29.19 5.75 25.29
N VAL A 484 -28.93 4.77 26.15
CA VAL A 484 -27.73 3.96 26.08
C VAL A 484 -28.09 2.55 25.58
N ALA A 485 -27.16 1.95 24.84
CA ALA A 485 -27.20 0.53 24.48
C ALA A 485 -28.44 0.20 23.65
N TYR A 486 -28.73 1.04 22.66
CA TYR A 486 -29.85 0.81 21.75
C TYR A 486 -29.40 0.12 20.45
N ALA A 487 -28.23 -0.50 20.45
CA ALA A 487 -27.77 -1.23 19.28
C ALA A 487 -28.55 -2.55 19.14
N GLY A 488 -28.43 -3.15 17.95
CA GLY A 488 -29.06 -4.44 17.74
C GLY A 488 -28.42 -5.57 18.53
N LYS A 489 -27.10 -5.50 18.72
CA LYS A 489 -26.40 -6.45 19.55
C LYS A 489 -26.48 -6.03 21.02
N PRO A 490 -26.47 -6.99 21.94
CA PRO A 490 -26.66 -6.64 23.36
C PRO A 490 -25.47 -5.89 23.94
N HIS A 491 -25.77 -4.85 24.71
CA HIS A 491 -24.77 -4.03 25.37
C HIS A 491 -25.31 -3.59 26.73
N ALA A 492 -24.57 -2.73 27.41
CA ALA A 492 -24.96 -2.20 28.70
C ALA A 492 -24.25 -0.88 28.92
N VAL A 493 -24.78 -0.09 29.87
CA VAL A 493 -24.13 1.18 30.23
C VAL A 493 -22.70 0.93 30.67
N LEU A 494 -22.52 0.07 31.66
CA LEU A 494 -21.23 -0.31 32.20
C LEU A 494 -20.99 -1.76 31.81
N ASN A 495 -20.05 -2.00 30.91
CA ASN A 495 -19.81 -3.33 30.34
C ASN A 495 -18.36 -3.72 30.60
N ILE A 496 -18.15 -4.66 31.52
CA ILE A 496 -16.84 -5.20 31.83
C ILE A 496 -16.76 -6.57 31.18
N THR A 497 -16.15 -6.65 29.99
CA THR A 497 -16.12 -7.88 29.21
C THR A 497 -14.76 -8.06 28.56
N PRO A 498 -13.79 -8.63 29.28
CA PRO A 498 -12.51 -8.96 28.65
C PRO A 498 -12.67 -10.13 27.69
N ARG A 499 -11.86 -10.11 26.63
CA ARG A 499 -11.82 -11.19 25.64
C ARG A 499 -10.36 -11.63 25.51
N LEU A 500 -10.03 -12.73 26.17
CA LEU A 500 -8.65 -13.19 26.27
C LEU A 500 -8.45 -14.48 25.47
N SER A 501 -7.22 -14.67 25.01
CA SER A 501 -6.87 -15.84 24.22
C SER A 501 -7.17 -17.12 25.00
N LYS A 502 -7.58 -18.16 24.26
CA LYS A 502 -7.87 -19.44 24.90
C LYS A 502 -6.63 -20.15 25.42
N SER A 503 -5.44 -19.61 25.16
CA SER A 503 -4.23 -20.09 25.82
C SER A 503 -4.18 -19.69 27.29
N PHE A 504 -5.14 -18.90 27.76
CA PHE A 504 -5.24 -18.48 29.15
C PHE A 504 -6.54 -19.00 29.74
N ASN A 505 -6.55 -19.12 31.07
CA ASN A 505 -7.78 -19.48 31.77
C ASN A 505 -8.81 -18.37 31.59
N GLN A 506 -10.06 -18.78 31.39
CA GLN A 506 -11.14 -17.85 31.06
C GLN A 506 -11.98 -17.46 32.26
N ASP A 507 -11.56 -17.79 33.48
CA ASP A 507 -12.33 -17.49 34.67
C ASP A 507 -11.49 -16.84 35.77
N GLU A 508 -10.37 -16.22 35.40
CA GLU A 508 -9.53 -15.53 36.37
C GLU A 508 -9.93 -14.06 36.46
N ILE A 509 -9.79 -13.49 37.67
CA ILE A 509 -10.11 -12.08 37.87
C ILE A 509 -9.16 -11.23 37.04
N TYR A 510 -9.72 -10.29 36.28
CA TYR A 510 -8.94 -9.43 35.40
C TYR A 510 -8.96 -7.97 35.84
N ASP A 511 -10.13 -7.37 35.95
CA ASP A 511 -10.27 -5.97 36.33
C ASP A 511 -10.63 -5.87 37.81
N ARG A 512 -10.21 -4.77 38.43
CA ARG A 512 -10.35 -4.59 39.86
C ARG A 512 -10.70 -3.14 40.19
N ASN A 513 -11.45 -2.98 41.28
CA ASN A 513 -11.67 -1.68 41.93
C ASN A 513 -12.31 -0.67 40.97
N ILE A 514 -13.53 -0.99 40.55
CA ILE A 514 -14.33 -0.12 39.69
C ILE A 514 -15.56 0.32 40.48
N ARG A 515 -15.77 1.64 40.54
CA ARG A 515 -16.90 2.22 41.27
C ARG A 515 -17.82 2.96 40.30
N PHE A 516 -19.11 2.69 40.40
CA PHE A 516 -20.14 3.32 39.58
C PHE A 516 -21.13 3.98 40.54
N GLU A 517 -20.94 5.27 40.81
CA GLU A 517 -21.64 5.95 41.88
C GLU A 517 -22.45 7.13 41.34
N ASN A 518 -23.63 7.32 41.93
CA ASN A 518 -24.39 8.57 41.82
C ASN A 518 -24.61 9.00 40.36
N ASN A 519 -24.93 8.03 39.50
CA ASN A 519 -25.23 8.32 38.11
C ASN A 519 -26.72 8.30 37.86
N THR A 520 -27.14 8.97 36.80
CA THR A 520 -28.54 9.00 36.36
C THR A 520 -28.63 8.31 35.01
N ILE A 521 -29.41 7.24 34.93
CA ILE A 521 -29.55 6.44 33.72
C ILE A 521 -31.00 6.52 33.27
N ASN A 522 -31.22 7.11 32.10
CA ASN A 522 -32.52 7.08 31.44
C ASN A 522 -32.56 5.83 30.56
N SER A 523 -33.47 4.92 30.88
CA SER A 523 -33.48 3.59 30.27
C SER A 523 -34.74 3.36 29.45
N PHE A 524 -34.61 2.51 28.44
CA PHE A 524 -35.73 2.00 27.67
C PHE A 524 -35.91 0.49 27.86
N GLY A 525 -35.13 -0.12 28.75
CA GLY A 525 -35.17 -1.55 28.95
C GLY A 525 -33.82 -2.19 28.74
N ASN A 526 -32.79 -1.36 28.63
CA ASN A 526 -31.44 -1.85 28.36
C ASN A 526 -30.75 -2.31 29.65
N ARG A 527 -29.72 -3.13 29.47
CA ARG A 527 -28.89 -3.55 30.59
C ARG A 527 -28.15 -2.34 31.18
N ILE A 528 -27.91 -2.40 32.48
CA ILE A 528 -27.21 -1.31 33.16
C ILE A 528 -25.75 -1.70 33.35
N VAL A 529 -25.50 -2.83 34.02
CA VAL A 529 -24.15 -3.28 34.35
C VAL A 529 -24.02 -4.74 33.98
N TRP A 530 -23.10 -5.05 33.08
CA TRP A 530 -22.71 -6.42 32.76
C TRP A 530 -21.23 -6.57 33.10
N ALA A 531 -20.94 -7.38 34.12
CA ALA A 531 -19.59 -7.54 34.63
C ALA A 531 -19.10 -8.96 34.39
N ASP A 532 -17.84 -9.09 33.99
CA ASP A 532 -17.22 -10.39 33.76
C ASP A 532 -15.79 -10.34 34.31
N ARG A 533 -15.51 -11.23 35.26
CA ARG A 533 -14.18 -11.35 35.85
C ARG A 533 -13.71 -10.05 36.49
N VAL A 534 -14.62 -9.38 37.21
CA VAL A 534 -14.29 -8.17 37.94
C VAL A 534 -14.03 -8.51 39.39
N GLY A 535 -12.94 -7.98 39.94
CA GLY A 535 -12.71 -8.12 41.37
C GLY A 535 -12.91 -6.82 42.11
N GLY A 536 -14.07 -6.67 42.76
CA GLY A 536 -14.39 -5.43 43.45
C GLY A 536 -15.14 -4.48 42.53
N LEU A 537 -16.45 -4.38 42.72
CA LEU A 537 -17.31 -3.53 41.88
C LEU A 537 -18.41 -2.96 42.75
N THR A 538 -18.39 -1.64 42.93
CA THR A 538 -19.39 -0.94 43.74
C THR A 538 -20.33 -0.18 42.82
N VAL A 539 -21.62 -0.54 42.87
CA VAL A 539 -22.67 0.14 42.11
C VAL A 539 -23.58 0.79 43.14
N SER A 540 -23.44 2.09 43.33
CA SER A 540 -24.11 2.78 44.43
C SER A 540 -24.70 4.09 43.96
N GLY A 541 -25.72 4.54 44.70
CA GLY A 541 -26.28 5.87 44.55
C GLY A 541 -26.87 6.21 43.19
N ASN A 542 -27.06 5.22 42.34
CA ASN A 542 -27.54 5.45 40.98
C ASN A 542 -29.05 5.44 40.93
N THR A 543 -29.60 6.27 40.03
CA THR A 543 -31.04 6.36 39.80
C THR A 543 -31.31 5.98 38.35
N ILE A 544 -32.12 4.94 38.16
CA ILE A 544 -32.48 4.44 36.84
C ILE A 544 -33.90 4.88 36.52
N ASN A 545 -34.07 5.56 35.39
CA ASN A 545 -35.37 6.10 34.98
C ASN A 545 -35.82 5.40 33.71
N ARG A 546 -36.81 4.51 33.85
CA ARG A 546 -37.45 3.88 32.69
C ARG A 546 -38.46 4.89 32.13
N ASN A 547 -37.94 5.79 31.29
CA ASN A 547 -38.76 6.88 30.74
C ASN A 547 -38.56 7.06 29.24
N ILE A 548 -37.85 6.16 28.58
CA ILE A 548 -37.59 6.25 27.15
C ILE A 548 -38.57 5.36 26.42
N ASN A 549 -39.37 5.95 25.53
CA ASN A 549 -40.40 5.21 24.80
C ASN A 549 -39.77 4.60 23.54
N GLN A 550 -39.08 3.48 23.76
CA GLN A 550 -38.45 2.74 22.68
C GLN A 550 -38.61 1.24 22.96
N PRO A 551 -38.82 0.43 21.92
CA PRO A 551 -39.06 -1.00 22.14
C PRO A 551 -37.80 -1.71 22.63
N VAL A 552 -38.00 -2.65 23.55
CA VAL A 552 -36.90 -3.45 24.06
C VAL A 552 -36.44 -4.40 22.96
N LEU A 553 -35.12 -4.43 22.71
CA LEU A 553 -34.56 -5.25 21.65
C LEU A 553 -34.10 -6.61 22.15
N HIS A 554 -33.83 -6.75 23.43
CA HIS A 554 -33.46 -8.04 24.02
C HIS A 554 -34.37 -8.28 25.22
N PRO A 555 -35.41 -9.10 25.07
CA PRO A 555 -36.39 -9.24 26.14
C PRO A 555 -35.83 -9.96 27.34
N ASP A 556 -36.35 -9.58 28.52
CA ASP A 556 -36.01 -10.24 29.78
C ASP A 556 -34.53 -10.10 30.12
N SER A 557 -33.94 -8.95 29.76
CA SER A 557 -32.56 -8.68 30.10
C SER A 557 -32.48 -7.98 31.46
N PRO A 558 -31.64 -8.46 32.37
CA PRO A 558 -31.60 -7.88 33.71
C PRO A 558 -30.86 -6.56 33.75
N LEU A 559 -31.15 -5.77 34.79
CA LEU A 559 -30.41 -4.53 35.02
C LEU A 559 -28.94 -4.83 35.28
N PHE A 560 -28.65 -5.85 36.08
CA PHE A 560 -27.29 -6.23 36.42
C PHE A 560 -27.09 -7.71 36.17
N GLU A 561 -25.96 -8.06 35.56
CA GLU A 561 -25.57 -9.46 35.42
C GLU A 561 -24.08 -9.58 35.72
N PHE A 562 -23.73 -10.53 36.58
CA PHE A 562 -22.35 -10.74 37.02
C PHE A 562 -21.96 -12.20 36.84
N VAL A 563 -20.77 -12.42 36.30
CA VAL A 563 -20.26 -13.77 36.06
C VAL A 563 -18.79 -13.82 36.46
N ASN A 564 -18.41 -14.87 37.19
CA ASN A 564 -17.03 -15.14 37.57
C ASN A 564 -16.37 -13.91 38.21
N SER A 565 -17.09 -13.28 39.13
CA SER A 565 -16.64 -12.06 39.77
C SER A 565 -16.53 -12.26 41.27
N GLU A 566 -16.01 -11.23 41.94
CA GLU A 566 -15.78 -11.26 43.38
C GLU A 566 -16.06 -9.89 43.97
N ASN A 567 -16.73 -9.88 45.12
CA ASN A 567 -16.93 -8.68 45.94
C ASN A 567 -17.61 -7.57 45.14
N ILE A 568 -18.80 -7.88 44.64
CA ILE A 568 -19.68 -6.90 44.01
C ILE A 568 -20.68 -6.42 45.04
N GLU A 569 -21.00 -5.13 45.00
CA GLU A 569 -21.87 -4.52 46.01
C GLU A 569 -22.91 -3.64 45.34
N LEU A 570 -24.18 -3.92 45.62
CA LEU A 570 -25.28 -3.03 45.27
C LEU A 570 -25.69 -2.27 46.53
N LYS A 571 -25.89 -0.96 46.40
CA LYS A 571 -26.15 -0.13 47.57
C LYS A 571 -26.87 1.14 47.16
N ASN A 572 -28.06 1.37 47.73
CA ASN A 572 -28.76 2.65 47.63
C ASN A 572 -29.01 3.06 46.17
N ASN A 573 -29.43 2.11 45.35
CA ASN A 573 -29.82 2.39 43.98
C ASN A 573 -31.35 2.46 43.89
N THR A 574 -31.83 3.20 42.90
CA THR A 574 -33.26 3.45 42.75
C THR A 574 -33.67 3.23 41.30
N TYR A 575 -34.78 2.52 41.10
CA TYR A 575 -35.35 2.27 39.79
C TYR A 575 -36.77 2.80 39.72
N ASN A 576 -37.09 3.47 38.62
CA ASN A 576 -38.41 4.06 38.41
C ASN A 576 -38.92 3.68 37.02
N GLY A 577 -40.16 3.20 36.95
CA GLY A 577 -40.79 2.89 35.69
C GLY A 577 -41.32 1.47 35.68
N LYS A 578 -41.64 0.99 34.48
CA LYS A 578 -42.16 -0.36 34.31
C LYS A 578 -41.17 -1.38 34.86
N VAL A 579 -41.71 -2.46 35.44
CA VAL A 579 -40.85 -3.44 36.10
C VAL A 579 -39.93 -4.11 35.08
N GLN A 580 -38.80 -4.61 35.58
CA GLN A 580 -37.79 -5.24 34.75
C GLN A 580 -37.01 -6.24 35.60
N ARG A 581 -36.52 -7.30 34.95
CA ARG A 581 -35.65 -8.25 35.64
C ARG A 581 -34.46 -7.53 36.24
N VAL A 582 -34.11 -7.89 37.47
CA VAL A 582 -33.17 -7.09 38.25
C VAL A 582 -31.76 -7.66 38.18
N LEU A 583 -31.59 -8.93 38.54
CA LEU A 583 -30.25 -9.48 38.71
C LEU A 583 -30.18 -10.92 38.22
N ILE A 584 -29.18 -11.19 37.38
CA ILE A 584 -28.74 -12.54 37.05
C ILE A 584 -27.29 -12.66 37.49
N VAL A 585 -26.99 -13.68 38.28
CA VAL A 585 -25.65 -13.83 38.86
C VAL A 585 -25.30 -15.31 38.89
N ASP A 586 -24.04 -15.61 38.56
CA ASP A 586 -23.54 -16.97 38.65
C ASP A 586 -23.20 -17.31 40.10
N ASP A 587 -23.11 -18.61 40.38
CA ASP A 587 -22.92 -19.07 41.75
C ASP A 587 -21.62 -18.59 42.36
N SER A 588 -20.61 -18.28 41.54
CA SER A 588 -19.31 -17.88 42.08
C SER A 588 -19.36 -16.44 42.61
N SER A 589 -19.93 -15.51 41.83
CA SER A 589 -19.98 -14.12 42.26
C SER A 589 -21.08 -13.87 43.29
N LYS A 590 -22.03 -14.78 43.43
CA LYS A 590 -23.05 -14.63 44.46
C LYS A 590 -22.49 -14.83 45.86
N GLY A 591 -21.44 -15.65 45.99
CA GLY A 591 -20.84 -15.90 47.28
C GLY A 591 -20.19 -14.68 47.91
N THR A 592 -19.95 -13.63 47.12
CA THR A 592 -19.34 -12.41 47.63
C THR A 592 -20.11 -11.17 47.21
N LEU A 593 -21.38 -11.33 46.82
CA LEU A 593 -22.20 -10.20 46.39
C LEU A 593 -22.97 -9.63 47.58
N ILE A 594 -22.88 -8.32 47.76
CA ILE A 594 -23.60 -7.61 48.80
C ILE A 594 -24.73 -6.83 48.14
N ASP A 595 -25.97 -7.21 48.46
CA ASP A 595 -27.16 -6.59 47.86
C ASP A 595 -28.06 -6.10 49.00
N ASP A 596 -28.19 -4.78 49.11
CA ASP A 596 -29.03 -4.18 50.15
C ASP A 596 -30.51 -4.16 49.77
N GLY A 597 -30.88 -4.77 48.65
CA GLY A 597 -32.27 -4.80 48.25
C GLY A 597 -32.86 -3.47 47.88
N SER A 598 -32.03 -2.47 47.58
CA SER A 598 -32.53 -1.15 47.22
C SER A 598 -33.34 -1.17 45.93
N ILE A 599 -33.09 -2.15 45.06
CA ILE A 599 -33.92 -2.38 43.87
C ILE A 599 -34.34 -3.85 43.91
N LYS A 600 -35.64 -4.09 44.03
CA LYS A 600 -36.15 -5.45 44.14
C LYS A 600 -37.09 -5.77 42.98
N LYS B 24 39.27 -4.48 5.18
CA LYS B 24 38.38 -5.28 4.33
C LYS B 24 37.88 -6.51 5.06
N GLU B 25 36.56 -6.64 5.20
CA GLU B 25 35.95 -7.75 5.90
C GLU B 25 35.55 -8.85 4.92
N VAL B 26 35.65 -10.09 5.37
CA VAL B 26 35.31 -11.27 4.59
C VAL B 26 34.41 -12.14 5.46
N LEU B 27 33.15 -12.28 5.06
CA LEU B 27 32.18 -13.08 5.78
C LEU B 27 31.90 -14.37 5.02
N THR B 28 31.95 -15.50 5.72
CA THR B 28 31.72 -16.81 5.14
C THR B 28 30.52 -17.46 5.84
N PHE B 29 29.70 -18.16 5.07
CA PHE B 29 28.48 -18.77 5.60
C PHE B 29 28.31 -20.17 5.04
N GLU B 30 27.64 -21.01 5.81
CA GLU B 30 27.31 -22.39 5.46
C GLU B 30 25.84 -22.61 5.74
N PRO B 31 25.24 -23.62 5.09
CA PRO B 31 23.81 -23.88 5.33
C PRO B 31 23.53 -24.41 6.72
N VAL B 32 23.56 -23.52 7.71
CA VAL B 32 23.39 -23.95 9.10
C VAL B 32 21.91 -24.08 9.46
N ALA B 33 21.17 -22.98 9.39
CA ALA B 33 19.78 -22.95 9.81
C ALA B 33 18.85 -23.10 8.62
N GLN B 34 17.63 -23.60 8.90
CA GLN B 34 16.63 -23.76 7.85
C GLN B 34 16.18 -22.41 7.30
N ASP B 35 16.23 -21.37 8.12
CA ASP B 35 15.95 -20.00 7.69
C ASP B 35 17.23 -19.20 7.87
N MET B 36 17.91 -18.91 6.76
CA MET B 36 19.18 -18.20 6.81
C MET B 36 19.02 -16.70 6.97
N THR B 37 17.80 -16.17 6.84
CA THR B 37 17.58 -14.73 6.90
C THR B 37 18.11 -14.09 8.17
N PRO B 38 17.81 -14.60 9.38
CA PRO B 38 18.33 -13.93 10.58
C PRO B 38 19.85 -13.92 10.68
N ILE B 39 20.52 -14.97 10.19
CA ILE B 39 21.98 -15.00 10.27
C ILE B 39 22.58 -13.95 9.35
N ILE B 40 22.06 -13.82 8.13
CA ILE B 40 22.58 -12.81 7.21
C ILE B 40 22.24 -11.41 7.70
N ARG B 41 21.05 -11.23 8.27
CA ARG B 41 20.62 -9.92 8.74
C ARG B 41 21.56 -9.36 9.80
N SER B 42 21.78 -10.11 10.88
CA SER B 42 22.60 -9.61 11.98
C SER B 42 24.06 -9.52 11.57
N ALA B 43 24.54 -10.46 10.76
CA ALA B 43 25.92 -10.38 10.30
C ALA B 43 26.18 -9.14 9.45
N LEU B 44 25.23 -8.79 8.60
CA LEU B 44 25.39 -7.60 7.75
C LEU B 44 25.19 -6.31 8.53
N LYS B 45 24.33 -6.32 9.56
CA LYS B 45 24.08 -5.09 10.30
C LYS B 45 25.26 -4.69 11.18
N ASN B 46 26.17 -5.60 11.46
CA ASN B 46 27.34 -5.30 12.30
C ASN B 46 28.61 -5.10 11.48
N VAL B 47 28.51 -5.05 10.15
CA VAL B 47 29.67 -4.77 9.32
C VAL B 47 30.11 -3.32 9.52
N LYS B 48 31.42 -3.09 9.52
CA LYS B 48 31.98 -1.77 9.76
C LYS B 48 32.76 -1.21 8.58
N ASP B 49 33.56 -2.02 7.91
CA ASP B 49 34.38 -1.53 6.82
C ASP B 49 33.54 -1.26 5.57
N LYS B 50 34.11 -0.48 4.65
CA LYS B 50 33.46 -0.17 3.38
C LYS B 50 33.87 -1.10 2.26
N ASP B 51 34.66 -2.13 2.54
CA ASP B 51 35.07 -3.13 1.56
C ASP B 51 34.69 -4.50 2.11
N LEU B 52 33.65 -5.10 1.55
CA LEU B 52 33.09 -6.35 2.06
C LEU B 52 33.04 -7.40 0.97
N LYS B 53 33.39 -8.62 1.32
CA LYS B 53 33.24 -9.78 0.43
C LYS B 53 32.49 -10.86 1.18
N ILE B 54 31.51 -11.47 0.52
CA ILE B 54 30.62 -12.45 1.13
C ILE B 54 30.75 -13.75 0.34
N VAL B 55 31.13 -14.82 1.03
CA VAL B 55 31.39 -16.12 0.41
C VAL B 55 30.47 -17.16 1.04
N PHE B 56 29.85 -17.98 0.20
CA PHE B 56 29.00 -19.07 0.65
C PHE B 56 29.59 -20.39 0.20
N LYS B 57 29.57 -21.37 1.09
CA LYS B 57 29.90 -22.73 0.70
C LYS B 57 28.81 -23.29 -0.22
N LYS B 58 29.21 -24.08 -1.21
CA LYS B 58 28.27 -24.59 -2.20
C LYS B 58 27.16 -25.40 -1.55
N GLY B 59 25.94 -24.90 -1.62
CA GLY B 59 24.82 -25.58 -1.01
C GLY B 59 23.53 -24.84 -1.30
N THR B 60 22.45 -25.31 -0.67
CA THR B 60 21.13 -24.73 -0.83
C THR B 60 20.77 -23.95 0.41
N TYR B 61 20.57 -22.64 0.25
CA TYR B 61 20.18 -21.75 1.34
C TYR B 61 18.75 -21.27 1.12
N LYS B 62 17.97 -21.22 2.20
CA LYS B 62 16.59 -20.76 2.16
C LYS B 62 16.44 -19.51 3.00
N PHE B 63 15.67 -18.55 2.49
CA PHE B 63 15.48 -17.25 3.13
C PHE B 63 14.00 -16.97 3.25
N LEU B 64 13.53 -16.78 4.47
CA LEU B 64 12.16 -16.37 4.74
C LEU B 64 12.09 -14.88 5.01
N PRO B 65 10.97 -14.23 4.69
CA PRO B 65 10.83 -12.79 4.96
C PRO B 65 10.33 -12.45 6.36
N GLU B 66 9.99 -13.46 7.17
CA GLU B 66 9.36 -13.20 8.46
C GLU B 66 10.25 -12.34 9.36
N TYR B 67 11.54 -12.66 9.42
CA TYR B 67 12.49 -11.95 10.27
C TYR B 67 13.46 -11.10 9.47
N ALA B 68 13.12 -10.78 8.24
CA ALA B 68 13.97 -9.93 7.41
C ALA B 68 13.75 -8.46 7.75
N SER B 69 14.76 -7.66 7.43
CA SER B 69 14.66 -6.21 7.64
C SER B 69 13.60 -5.62 6.70
N SER B 70 12.93 -4.57 7.18
CA SER B 70 11.86 -3.92 6.44
C SER B 70 12.18 -2.43 6.32
N GLU B 71 12.24 -1.94 5.09
CA GLU B 71 12.42 -0.53 4.81
C GLU B 71 11.48 -0.11 3.70
N TYR B 72 11.06 1.15 3.73
CA TYR B 72 10.29 1.71 2.63
C TYR B 72 11.23 1.98 1.46
N ARG B 73 10.88 1.44 0.30
CA ARG B 73 11.74 1.51 -0.87
C ARG B 73 11.01 2.13 -2.05
N ARG B 74 11.77 2.88 -2.85
CA ARG B 74 11.28 3.46 -4.10
C ARG B 74 11.93 2.68 -5.24
N ILE B 75 11.12 1.90 -5.96
CA ILE B 75 11.59 1.02 -7.02
C ILE B 75 10.94 1.46 -8.31
N THR B 76 11.75 1.83 -9.31
CA THR B 76 11.21 2.29 -10.58
C THR B 76 10.51 1.14 -11.29
N ASN B 77 9.44 1.49 -12.03
CA ASN B 77 8.63 0.53 -12.77
C ASN B 77 8.12 -0.61 -11.88
N HIS B 78 8.08 -0.37 -10.57
CA HIS B 78 7.53 -1.30 -9.59
C HIS B 78 6.63 -0.50 -8.65
N GLY B 79 6.01 -1.20 -7.70
CA GLY B 79 5.21 -0.55 -6.69
C GLY B 79 6.01 -0.18 -5.46
N ASN B 80 6.02 1.09 -5.10
CA ASN B 80 6.70 1.51 -3.88
C ASN B 80 5.95 1.01 -2.64
N GLY B 81 6.66 0.92 -1.54
CA GLY B 81 6.06 0.51 -0.29
C GLY B 81 7.09 -0.16 0.60
N LEU B 82 6.60 -0.60 1.77
CA LEU B 82 7.44 -1.33 2.71
C LEU B 82 7.84 -2.67 2.12
N LYS B 83 9.14 -2.96 2.14
CA LYS B 83 9.67 -4.16 1.52
C LYS B 83 10.44 -4.99 2.55
N LYS B 84 10.24 -6.30 2.50
CA LYS B 84 11.08 -7.24 3.23
C LYS B 84 12.31 -7.54 2.38
N ILE B 85 13.49 -7.24 2.91
CA ILE B 85 14.74 -7.33 2.17
C ILE B 85 15.62 -8.38 2.82
N ALA B 86 16.15 -9.30 2.00
CA ALA B 86 17.09 -10.30 2.51
C ALA B 86 18.51 -9.76 2.54
N PHE B 87 19.01 -9.26 1.42
CA PHE B 87 20.34 -8.69 1.31
C PHE B 87 20.21 -7.22 0.95
N SER B 88 20.58 -6.35 1.90
CA SER B 88 20.59 -4.90 1.68
C SER B 88 21.99 -4.40 1.99
N LEU B 89 22.71 -3.97 0.95
CA LEU B 89 24.10 -3.53 1.07
C LEU B 89 24.19 -2.10 0.56
N ASP B 90 24.36 -1.15 1.49
CA ASP B 90 24.28 0.26 1.21
C ASP B 90 25.57 0.96 1.65
N GLY B 91 26.20 1.67 0.72
CA GLY B 91 27.29 2.57 1.06
C GLY B 91 28.69 2.01 0.98
N PHE B 92 28.88 0.84 0.36
CA PHE B 92 30.18 0.21 0.33
C PHE B 92 31.06 0.81 -0.77
N ASP B 93 32.38 0.86 -0.48
CA ASP B 93 33.34 1.17 -1.54
C ASP B 93 33.41 0.02 -2.54
N SER B 94 33.38 -1.21 -2.06
CA SER B 94 33.29 -2.39 -2.90
C SER B 94 32.60 -3.49 -2.11
N VAL B 95 31.64 -4.16 -2.75
CA VAL B 95 30.91 -5.26 -2.15
C VAL B 95 30.86 -6.40 -3.15
N GLU B 96 31.20 -7.61 -2.69
CA GLU B 96 31.26 -8.78 -3.55
C GLU B 96 30.56 -9.95 -2.86
N ILE B 97 29.79 -10.71 -3.63
CA ILE B 97 29.05 -11.86 -3.13
C ILE B 97 29.45 -13.06 -3.97
N GLU B 98 30.23 -13.98 -3.37
CA GLU B 98 30.64 -15.21 -4.02
C GLU B 98 29.77 -16.34 -3.52
N GLY B 99 29.03 -16.98 -4.43
CA GLY B 99 28.13 -18.04 -4.03
C GLY B 99 28.68 -19.42 -4.29
N ALA B 100 29.68 -19.52 -5.17
CA ALA B 100 30.34 -20.78 -5.51
C ALA B 100 29.33 -21.83 -5.96
N GLY B 101 28.40 -21.42 -6.81
CA GLY B 101 27.41 -22.33 -7.33
C GLY B 101 26.26 -22.64 -6.40
N SER B 102 26.10 -21.89 -5.31
CA SER B 102 25.02 -22.14 -4.38
C SER B 102 23.67 -21.77 -5.01
N GLU B 103 22.59 -22.25 -4.39
CA GLU B 103 21.24 -21.96 -4.82
C GLU B 103 20.51 -21.28 -3.67
N PHE B 104 19.99 -20.08 -3.92
CA PHE B 104 19.22 -19.34 -2.93
C PHE B 104 17.74 -19.46 -3.29
N VAL B 105 16.97 -20.07 -2.40
CA VAL B 105 15.53 -20.21 -2.56
C VAL B 105 14.84 -19.26 -1.59
N PHE B 106 14.01 -18.37 -2.13
CA PHE B 106 13.31 -17.39 -1.32
C PHE B 106 11.84 -17.79 -1.17
N HIS B 107 11.15 -17.06 -0.30
CA HIS B 107 9.80 -17.41 0.10
C HIS B 107 8.97 -16.14 0.27
N GLY B 108 7.74 -16.16 -0.24
CA GLY B 108 6.83 -15.05 -0.05
C GLY B 108 7.27 -13.79 -0.76
N GLN B 109 6.69 -12.68 -0.32
CA GLN B 109 6.99 -11.36 -0.87
C GLN B 109 8.26 -10.84 -0.20
N ILE B 110 9.38 -10.90 -0.92
CA ILE B 110 10.66 -10.48 -0.38
C ILE B 110 11.49 -9.89 -1.51
N ALA B 111 12.36 -8.94 -1.16
CA ALA B 111 13.34 -8.40 -2.10
C ALA B 111 14.66 -9.11 -1.86
N PRO B 112 15.13 -9.96 -2.78
CA PRO B 112 16.36 -10.73 -2.50
C PRO B 112 17.59 -9.87 -2.30
N PHE B 113 17.89 -8.96 -3.24
CA PHE B 113 19.13 -8.19 -3.19
C PHE B 113 18.86 -6.72 -3.46
N GLU B 114 19.50 -5.86 -2.68
CA GLU B 114 19.49 -4.42 -2.88
C GLU B 114 20.91 -3.91 -2.77
N PHE B 115 21.38 -3.21 -3.81
CA PHE B 115 22.72 -2.62 -3.83
C PHE B 115 22.55 -1.12 -4.03
N TYR B 116 22.67 -0.35 -2.95
CA TYR B 116 22.46 1.09 -2.97
C TYR B 116 23.77 1.80 -2.68
N ASN B 117 24.13 2.77 -3.53
CA ASN B 117 25.24 3.68 -3.30
C ASN B 117 26.56 2.93 -3.06
N ASN B 118 26.95 2.12 -4.03
CA ASN B 118 28.16 1.32 -3.96
C ASN B 118 29.08 1.68 -5.11
N LYS B 119 30.36 1.91 -4.81
CA LYS B 119 31.33 2.20 -5.86
C LYS B 119 31.76 0.95 -6.63
N SER B 120 31.35 -0.23 -6.18
CA SER B 120 31.70 -1.48 -6.86
C SER B 120 30.78 -2.57 -6.35
N VAL B 121 30.19 -3.33 -7.28
CA VAL B 121 29.27 -4.41 -6.94
C VAL B 121 29.61 -5.62 -7.79
N LYS B 122 29.81 -6.77 -7.14
CA LYS B 122 30.12 -8.01 -7.84
C LYS B 122 29.31 -9.14 -7.25
N VAL B 123 28.55 -9.82 -8.10
CA VAL B 123 27.72 -10.96 -7.72
C VAL B 123 27.99 -12.08 -8.71
N SER B 124 28.38 -13.24 -8.20
CA SER B 124 28.82 -14.32 -9.09
C SER B 124 28.44 -15.69 -8.54
N ASN B 125 28.08 -16.58 -9.46
CA ASN B 125 27.94 -18.02 -9.20
C ASN B 125 26.85 -18.30 -8.14
N ILE B 126 25.63 -17.86 -8.44
CA ILE B 126 24.48 -18.20 -7.61
C ILE B 126 23.25 -18.41 -8.48
N THR B 127 22.34 -19.24 -7.99
CA THR B 127 21.05 -19.49 -8.61
C THR B 127 19.95 -19.00 -7.67
N ILE B 128 18.99 -18.27 -8.20
CA ILE B 128 17.92 -17.66 -7.42
C ILE B 128 16.59 -18.24 -7.85
N ASP B 129 15.76 -18.61 -6.88
CA ASP B 129 14.48 -19.23 -7.16
C ASP B 129 13.58 -19.04 -5.94
N TRP B 130 12.31 -19.37 -6.13
CA TRP B 130 11.31 -19.34 -5.06
C TRP B 130 10.89 -20.77 -4.73
N ASP B 131 10.49 -20.98 -3.47
CA ASP B 131 9.98 -22.29 -3.08
C ASP B 131 8.57 -22.50 -3.65
N ILE B 132 7.75 -21.45 -3.66
CA ILE B 132 6.43 -21.47 -4.26
C ILE B 132 6.31 -20.22 -5.12
N PRO B 133 6.12 -20.36 -6.44
CA PRO B 133 6.03 -19.17 -7.30
C PRO B 133 4.71 -18.45 -7.15
N PHE B 134 4.74 -17.14 -7.39
CA PHE B 134 3.55 -16.30 -7.34
C PHE B 134 2.82 -16.30 -8.68
N THR B 135 2.55 -17.51 -9.20
CA THR B 135 1.88 -17.68 -10.48
C THR B 135 0.78 -18.73 -10.34
N PHE B 136 -0.10 -18.75 -11.34
CA PHE B 136 -1.15 -19.76 -11.44
C PHE B 136 -1.16 -20.28 -12.87
N VAL B 137 -0.71 -21.51 -13.06
CA VAL B 137 -0.63 -22.14 -14.38
C VAL B 137 -1.64 -23.27 -14.44
N ALA B 138 -2.42 -23.30 -15.52
CA ALA B 138 -3.47 -24.29 -15.68
C ALA B 138 -3.56 -24.71 -17.15
N GLU B 139 -3.88 -25.98 -17.36
CA GLU B 139 -4.06 -26.53 -18.69
C GLU B 139 -5.52 -26.37 -19.11
N VAL B 140 -5.75 -25.81 -20.29
CA VAL B 140 -7.09 -25.51 -20.76
C VAL B 140 -7.70 -26.79 -21.32
N LEU B 141 -8.79 -27.26 -20.70
CA LEU B 141 -9.46 -28.49 -21.08
C LEU B 141 -10.63 -28.25 -22.02
N SER B 142 -11.49 -27.28 -21.70
CA SER B 142 -12.65 -26.97 -22.54
C SER B 142 -13.01 -25.50 -22.35
N VAL B 143 -13.60 -24.92 -23.40
CA VAL B 143 -14.01 -23.52 -23.41
C VAL B 143 -15.43 -23.45 -23.98
N ASN B 144 -16.29 -22.67 -23.32
CA ASN B 144 -17.67 -22.45 -23.75
C ASN B 144 -17.87 -20.96 -23.92
N GLU B 145 -17.81 -20.48 -25.16
CA GLU B 145 -17.98 -19.06 -25.42
C GLU B 145 -19.43 -18.63 -25.27
N LYS B 146 -20.38 -19.52 -25.54
CA LYS B 146 -21.79 -19.16 -25.47
C LYS B 146 -22.22 -18.89 -24.03
N LEU B 147 -21.85 -19.77 -23.11
CA LEU B 147 -22.26 -19.62 -21.72
C LEU B 147 -21.24 -18.85 -20.87
N GLY B 148 -20.00 -18.75 -21.33
CA GLY B 148 -19.01 -17.93 -20.65
C GLY B 148 -18.28 -18.62 -19.52
N TYR B 149 -17.65 -19.75 -19.80
CA TYR B 149 -16.80 -20.42 -18.81
C TYR B 149 -15.69 -21.16 -19.54
N ARG B 150 -14.72 -21.64 -18.76
CA ARG B 150 -13.64 -22.45 -19.29
C ARG B 150 -13.19 -23.43 -18.22
N ASP B 151 -12.95 -24.68 -18.64
CA ASP B 151 -12.50 -25.73 -17.74
C ASP B 151 -10.98 -25.85 -17.84
N VAL B 152 -10.31 -25.75 -16.69
CA VAL B 152 -8.85 -25.76 -16.65
C VAL B 152 -8.38 -26.73 -15.58
N ARG B 153 -7.21 -27.31 -15.81
CA ARG B 153 -6.57 -28.18 -14.82
C ARG B 153 -5.31 -27.50 -14.30
N PRO B 154 -5.30 -26.98 -13.08
CA PRO B 154 -4.10 -26.28 -12.58
C PRO B 154 -2.92 -27.22 -12.44
N VAL B 155 -1.75 -26.74 -12.86
CA VAL B 155 -0.51 -27.49 -12.71
C VAL B 155 -0.13 -27.52 -11.24
N LYS B 156 0.23 -28.71 -10.75
CA LYS B 156 0.56 -28.83 -9.32
C LYS B 156 1.98 -28.35 -9.04
N GLY B 157 2.97 -29.07 -9.58
CA GLY B 157 4.38 -28.77 -9.36
C GLY B 157 4.71 -28.34 -7.94
N ASP B 158 5.22 -27.12 -7.81
CA ASP B 158 5.33 -26.45 -6.51
C ASP B 158 4.37 -25.27 -6.40
N HIS B 159 3.41 -25.17 -7.32
CA HIS B 159 2.39 -24.13 -7.24
C HIS B 159 1.45 -24.41 -6.06
N GLN B 160 0.79 -23.36 -5.60
CA GLN B 160 -0.14 -23.46 -4.48
C GLN B 160 -1.37 -22.61 -4.76
N TRP B 161 -2.53 -23.16 -4.46
CA TRP B 161 -3.81 -22.50 -4.73
C TRP B 161 -4.92 -23.27 -4.03
N ASP B 162 -6.04 -22.60 -3.80
CA ASP B 162 -7.23 -23.25 -3.26
C ASP B 162 -8.45 -22.39 -3.63
N LEU B 163 -9.58 -22.70 -3.00
CA LEU B 163 -10.83 -22.01 -3.29
C LEU B 163 -11.44 -21.50 -1.98
N LYS B 164 -12.00 -20.29 -2.04
CA LYS B 164 -12.72 -19.71 -0.90
C LYS B 164 -13.58 -18.57 -1.42
N GLY B 165 -14.86 -18.58 -1.07
CA GLY B 165 -15.78 -17.60 -1.60
C GLY B 165 -16.03 -17.75 -3.09
N GLY B 166 -15.88 -18.95 -3.63
CA GLY B 166 -16.04 -19.16 -5.06
C GLY B 166 -15.00 -18.49 -5.90
N LYS B 167 -13.78 -18.33 -5.39
CA LYS B 167 -12.73 -17.61 -6.09
C LYS B 167 -11.41 -18.35 -5.92
N ILE B 168 -10.58 -18.28 -6.96
CA ILE B 168 -9.24 -18.86 -6.89
C ILE B 168 -8.36 -17.99 -6.01
N ARG B 169 -7.70 -18.62 -5.03
CA ARG B 169 -6.78 -17.93 -4.14
C ARG B 169 -5.39 -18.50 -4.35
N PHE B 170 -4.44 -17.63 -4.68
CA PHE B 170 -3.06 -18.03 -4.92
C PHE B 170 -2.17 -16.83 -4.65
N PRO B 171 -0.93 -17.05 -4.18
CA PRO B 171 -0.33 -18.36 -3.90
C PRO B 171 -0.59 -18.87 -2.49
N ASN B 172 -1.33 -18.11 -1.68
CA ASN B 172 -1.60 -18.45 -0.29
C ASN B 172 -0.30 -18.67 0.48
N VAL B 173 0.62 -17.73 0.34
CA VAL B 173 1.93 -17.78 0.98
C VAL B 173 1.98 -16.69 2.05
N ASP B 174 2.20 -17.09 3.30
CA ASP B 174 2.28 -16.17 4.44
C ASP B 174 1.02 -15.31 4.54
N GLY B 175 -0.12 -15.90 4.19
CA GLY B 175 -1.39 -15.21 4.27
C GLY B 175 -1.70 -14.27 3.13
N PHE B 176 -0.86 -14.21 2.11
CA PHE B 176 -1.10 -13.34 0.96
C PHE B 176 -1.73 -14.12 -0.18
N SER B 177 -2.68 -13.47 -0.86
CA SER B 177 -3.33 -14.05 -2.03
C SER B 177 -3.82 -12.92 -2.91
N TYR B 178 -3.72 -13.10 -4.22
CA TYR B 178 -4.23 -12.11 -5.16
C TYR B 178 -5.76 -12.14 -5.19
N ASN B 179 -6.35 -11.01 -5.57
CA ASN B 179 -7.79 -10.94 -5.68
C ASN B 179 -8.30 -11.72 -6.88
N TYR B 180 -7.57 -11.67 -8.00
CA TYR B 180 -7.95 -12.37 -9.21
C TYR B 180 -6.72 -12.95 -9.87
N LEU B 181 -6.94 -13.78 -10.89
CA LEU B 181 -5.83 -14.31 -11.69
C LEU B 181 -5.09 -13.20 -12.42
N GLY B 182 -5.75 -12.08 -12.69
CA GLY B 182 -5.11 -10.96 -13.35
C GLY B 182 -4.96 -11.20 -14.85
N SER B 183 -3.97 -10.51 -15.42
CA SER B 183 -3.69 -10.64 -16.84
C SER B 183 -3.08 -12.00 -17.13
N THR B 184 -3.72 -12.75 -18.04
CA THR B 184 -3.34 -14.12 -18.35
C THR B 184 -2.97 -14.24 -19.82
N LEU B 185 -2.10 -15.21 -20.11
CA LEU B 185 -1.65 -15.46 -21.47
C LEU B 185 -1.56 -16.97 -21.71
N ALA B 186 -1.76 -17.36 -22.95
CA ALA B 186 -1.73 -18.78 -23.34
C ALA B 186 -0.33 -19.18 -23.80
N TRP B 187 0.11 -20.36 -23.35
CA TRP B 187 1.43 -20.87 -23.66
C TRP B 187 1.32 -22.29 -24.22
N ASP B 188 2.26 -22.63 -25.10
CA ASP B 188 2.33 -23.98 -25.63
C ASP B 188 2.86 -24.93 -24.57
N LYS B 189 2.16 -26.05 -24.37
CA LYS B 189 2.53 -26.96 -23.29
C LYS B 189 3.86 -27.67 -23.56
N ASN B 190 4.23 -27.84 -24.83
CA ASN B 190 5.44 -28.57 -25.18
C ASN B 190 6.66 -27.65 -25.24
N GLU B 191 6.57 -26.54 -25.96
CA GLU B 191 7.69 -25.63 -26.10
C GLU B 191 7.79 -24.63 -24.96
N LYS B 192 6.74 -24.49 -24.14
CA LYS B 192 6.69 -23.48 -23.08
C LYS B 192 7.00 -22.09 -23.61
N ARG B 193 6.38 -21.76 -24.74
CA ARG B 193 6.43 -20.42 -25.29
C ARG B 193 5.00 -19.98 -25.62
N VAL B 194 4.84 -18.68 -25.84
CA VAL B 194 3.53 -18.13 -26.17
C VAL B 194 3.02 -18.77 -27.46
N VAL B 195 1.74 -19.14 -27.46
CA VAL B 195 1.16 -19.78 -28.64
C VAL B 195 1.10 -18.80 -29.79
N HIS B 196 0.93 -19.34 -31.00
CA HIS B 196 0.83 -18.51 -32.19
C HIS B 196 -0.42 -17.63 -32.13
N GLY B 197 -0.23 -16.33 -32.27
CA GLY B 197 -1.34 -15.40 -32.18
C GLY B 197 -1.84 -15.14 -30.78
N GLY B 198 -1.01 -15.38 -29.77
CA GLY B 198 -1.45 -15.17 -28.40
C GLY B 198 -1.73 -13.71 -28.13
N ILE B 199 -2.79 -13.45 -27.36
CA ILE B 199 -3.20 -12.11 -26.97
C ILE B 199 -3.39 -12.09 -25.46
N ASP B 200 -2.99 -10.98 -24.84
CA ASP B 200 -3.12 -10.85 -23.38
C ASP B 200 -4.59 -10.84 -22.98
N SER B 201 -4.95 -11.74 -22.08
CA SER B 201 -6.30 -11.83 -21.54
C SER B 201 -6.32 -11.33 -20.10
N LYS B 202 -7.45 -10.73 -19.72
CA LYS B 202 -7.67 -10.23 -18.37
C LYS B 202 -8.74 -11.08 -17.70
N SER B 203 -8.35 -11.80 -16.65
CA SER B 203 -9.24 -12.70 -15.92
C SER B 203 -9.64 -12.05 -14.59
N LYS B 204 -10.93 -11.82 -14.41
CA LYS B 204 -11.47 -11.23 -13.18
C LYS B 204 -12.69 -12.01 -12.72
N SER B 205 -12.55 -13.33 -12.65
CA SER B 205 -13.68 -14.20 -12.30
C SER B 205 -13.97 -14.14 -10.80
N ASP B 206 -15.26 -14.15 -10.47
CA ASP B 206 -15.74 -14.22 -9.09
C ASP B 206 -16.38 -15.56 -8.76
N ASP B 207 -16.48 -16.47 -9.72
CA ASP B 207 -17.22 -17.73 -9.54
C ASP B 207 -16.41 -18.87 -10.13
N VAL B 208 -15.67 -19.57 -9.28
CA VAL B 208 -14.88 -20.72 -9.68
C VAL B 208 -15.32 -21.90 -8.84
N GLU B 209 -15.70 -23.00 -9.49
CA GLU B 209 -16.18 -24.18 -8.81
C GLU B 209 -15.25 -25.37 -9.08
N ASP B 210 -15.15 -26.24 -8.08
CA ASP B 210 -14.32 -27.44 -8.17
C ASP B 210 -15.16 -28.59 -8.71
N LEU B 211 -14.76 -29.10 -9.87
CA LEU B 211 -15.45 -30.23 -10.50
C LEU B 211 -14.84 -31.57 -10.12
N GLY B 212 -13.94 -31.60 -9.15
CA GLY B 212 -13.22 -32.81 -8.84
C GLY B 212 -12.17 -33.13 -9.89
N ASN B 213 -11.41 -34.18 -9.61
CA ASN B 213 -10.32 -34.64 -10.49
C ASN B 213 -9.27 -33.56 -10.74
N GLY B 214 -9.24 -32.52 -9.90
CA GLY B 214 -8.32 -31.43 -10.10
C GLY B 214 -8.67 -30.49 -11.23
N VAL B 215 -9.97 -30.35 -11.54
CA VAL B 215 -10.43 -29.51 -12.65
C VAL B 215 -11.30 -28.40 -12.08
N LEU B 216 -11.06 -27.17 -12.53
CA LEU B 216 -11.80 -26.00 -12.10
C LEU B 216 -12.55 -25.39 -13.28
N ARG B 217 -13.75 -24.88 -13.00
CA ARG B 217 -14.57 -24.21 -14.00
C ARG B 217 -14.59 -22.73 -13.66
N ILE B 218 -13.95 -21.91 -14.49
CA ILE B 218 -13.82 -20.48 -14.27
C ILE B 218 -14.88 -19.78 -15.09
N HIS B 219 -15.83 -19.12 -14.42
CA HIS B 219 -16.96 -18.48 -15.07
C HIS B 219 -16.65 -17.00 -15.31
N GLU B 220 -16.48 -16.63 -16.57
CA GLU B 220 -16.38 -15.24 -16.99
C GLU B 220 -16.37 -15.19 -18.51
N ARG B 221 -16.92 -14.11 -19.06
CA ARG B 221 -16.97 -13.90 -20.51
C ARG B 221 -15.72 -13.15 -20.93
N LEU B 222 -14.83 -13.83 -21.64
CA LEU B 222 -13.57 -13.26 -22.08
C LEU B 222 -13.66 -12.80 -23.53
N LYS B 223 -12.89 -11.76 -23.86
CA LYS B 223 -12.86 -11.27 -25.23
C LYS B 223 -12.03 -12.17 -26.14
N ASP B 224 -11.04 -12.87 -25.58
CA ASP B 224 -10.25 -13.84 -26.32
C ASP B 224 -9.97 -15.03 -25.41
N TYR B 225 -10.59 -16.17 -25.71
CA TYR B 225 -10.41 -17.36 -24.91
C TYR B 225 -9.12 -18.09 -25.31
N PRO B 226 -8.46 -18.77 -24.36
CA PRO B 226 -7.24 -19.49 -24.70
C PRO B 226 -7.55 -20.74 -25.49
N PRO B 227 -6.65 -21.18 -26.34
CA PRO B 227 -6.88 -22.41 -27.11
C PRO B 227 -6.89 -23.63 -26.20
N VAL B 228 -7.70 -24.62 -26.58
CA VAL B 228 -7.78 -25.86 -25.82
C VAL B 228 -6.45 -26.59 -25.93
N GLY B 229 -5.91 -27.01 -24.79
CA GLY B 229 -4.60 -27.63 -24.72
C GLY B 229 -3.49 -26.70 -24.32
N SER B 230 -3.75 -25.40 -24.24
CA SER B 230 -2.73 -24.44 -23.86
C SER B 230 -2.53 -24.45 -22.34
N LEU B 231 -1.38 -23.92 -21.93
CA LEU B 231 -1.11 -23.64 -20.53
C LEU B 231 -1.21 -22.12 -20.34
N THR B 232 -2.12 -21.69 -19.47
CA THR B 232 -2.35 -20.27 -19.23
C THR B 232 -1.58 -19.83 -17.99
N SER B 233 -0.77 -18.78 -18.15
CA SER B 233 -0.05 -18.19 -17.04
C SER B 233 -0.90 -17.11 -16.40
N SER B 234 -0.89 -17.06 -15.08
CA SER B 234 -1.57 -16.03 -14.32
C SER B 234 -0.57 -15.32 -13.41
N LYS B 235 -0.59 -13.99 -13.46
CA LYS B 235 0.40 -13.17 -12.78
C LYS B 235 -0.13 -12.56 -11.49
N GLY B 236 -1.43 -12.34 -11.38
CA GLY B 236 -2.04 -11.73 -10.22
C GLY B 236 -2.53 -10.32 -10.52
N ASP B 237 -2.89 -9.62 -9.45
CA ASP B 237 -3.39 -8.27 -9.58
C ASP B 237 -2.27 -7.33 -10.04
N ARG B 238 -2.61 -6.45 -10.99
CA ARG B 238 -1.61 -5.55 -11.56
C ARG B 238 -1.05 -4.59 -10.50
N GLU B 239 -1.82 -4.30 -9.46
CA GLU B 239 -1.45 -3.29 -8.48
C GLU B 239 -0.47 -3.80 -7.44
N THR B 240 -0.30 -5.11 -7.30
CA THR B 240 0.54 -5.66 -6.23
C THR B 240 1.56 -6.71 -6.68
N HIS B 241 1.53 -7.16 -7.94
CA HIS B 241 2.47 -8.19 -8.35
C HIS B 241 3.88 -7.66 -8.60
N ARG B 242 4.05 -6.33 -8.70
CA ARG B 242 5.38 -5.74 -8.83
C ARG B 242 5.92 -5.39 -7.44
N TYR B 243 6.25 -6.44 -6.69
CA TYR B 243 6.72 -6.25 -5.32
C TYR B 243 8.16 -5.76 -5.29
N ALA B 244 9.07 -6.48 -5.95
CA ALA B 244 10.48 -6.14 -5.97
C ALA B 244 11.22 -6.98 -7.00
N PRO B 245 12.25 -6.45 -7.65
CA PRO B 245 13.07 -7.29 -8.53
C PRO B 245 13.99 -8.17 -7.73
N ALA B 246 14.49 -9.22 -8.40
CA ALA B 246 15.50 -10.08 -7.79
C ALA B 246 16.73 -9.26 -7.40
N PHE B 247 17.17 -8.36 -8.28
CA PHE B 247 18.27 -7.46 -8.02
C PHE B 247 17.83 -6.03 -8.30
N GLN B 248 18.05 -5.14 -7.34
CA GLN B 248 17.85 -3.71 -7.54
C GLN B 248 19.17 -3.01 -7.26
N VAL B 249 19.69 -2.29 -8.26
CA VAL B 249 20.94 -1.56 -8.14
C VAL B 249 20.63 -0.09 -8.33
N LYS B 250 20.91 0.72 -7.31
CA LYS B 250 20.62 2.15 -7.34
C LYS B 250 21.88 2.93 -6.97
N ASN B 251 22.21 3.92 -7.79
CA ASN B 251 23.30 4.86 -7.51
C ASN B 251 24.63 4.14 -7.27
N SER B 252 24.93 3.18 -8.15
CA SER B 252 26.14 2.40 -8.02
C SER B 252 26.94 2.45 -9.32
N LYS B 253 28.21 2.05 -9.24
CA LYS B 253 29.08 1.99 -10.40
C LYS B 253 29.93 0.74 -10.34
N ASN B 254 30.40 0.31 -11.51
CA ASN B 254 31.25 -0.87 -11.66
C ASN B 254 30.55 -2.12 -11.11
N ILE B 255 29.44 -2.47 -11.75
CA ILE B 255 28.62 -3.61 -11.34
C ILE B 255 28.87 -4.74 -12.34
N VAL B 256 29.09 -5.94 -11.82
CA VAL B 256 29.35 -7.12 -12.63
C VAL B 256 28.51 -8.27 -12.11
N PHE B 257 27.74 -8.90 -12.99
CA PHE B 257 27.00 -10.11 -12.69
C PHE B 257 27.54 -11.23 -13.58
N ASP B 258 28.14 -12.24 -12.94
CA ASP B 258 28.81 -13.33 -13.66
C ASP B 258 28.22 -14.65 -13.19
N ASN B 259 27.64 -15.41 -14.12
CA ASN B 259 27.08 -16.72 -13.80
C ASN B 259 25.99 -16.61 -12.73
N VAL B 260 25.01 -15.76 -12.99
CA VAL B 260 23.91 -15.51 -12.06
C VAL B 260 22.61 -15.88 -12.76
N VAL B 261 21.95 -16.92 -12.26
CA VAL B 261 20.72 -17.44 -12.84
C VAL B 261 19.57 -17.13 -11.90
N ILE B 262 18.48 -16.58 -12.44
CA ILE B 262 17.27 -16.31 -11.68
C ILE B 262 16.14 -17.13 -12.30
N HIS B 263 15.50 -17.96 -11.48
CA HIS B 263 14.34 -18.73 -11.92
C HIS B 263 13.02 -18.09 -11.55
N HIS B 264 13.00 -17.23 -10.53
CA HIS B 264 11.77 -16.54 -10.16
C HIS B 264 12.10 -15.21 -9.50
N ALA B 265 11.13 -14.30 -9.57
CA ALA B 265 11.21 -12.99 -8.94
C ALA B 265 9.83 -12.36 -8.96
N LEU B 266 9.46 -11.68 -7.89
CA LEU B 266 8.18 -10.97 -7.84
C LEU B 266 8.32 -9.60 -8.49
N GLY B 267 8.79 -9.59 -9.74
CA GLY B 267 9.09 -8.37 -10.45
C GLY B 267 10.10 -8.63 -11.55
N MET B 268 11.09 -7.76 -11.70
CA MET B 268 12.10 -7.91 -12.74
C MET B 268 13.26 -8.77 -12.24
N GLY B 269 14.10 -9.20 -13.18
CA GLY B 269 15.28 -9.95 -12.83
C GLY B 269 16.43 -9.08 -12.36
N PHE B 270 16.94 -8.25 -13.27
CA PHE B 270 18.02 -7.30 -12.97
C PHE B 270 17.51 -5.90 -13.27
N LEU B 271 17.38 -5.08 -12.23
CA LEU B 271 16.92 -3.70 -12.37
C LEU B 271 18.03 -2.76 -11.92
N PHE B 272 18.32 -1.75 -12.75
CA PHE B 272 19.36 -0.78 -12.47
C PHE B 272 18.79 0.62 -12.60
N GLU B 273 18.97 1.43 -11.55
CA GLU B 273 18.49 2.81 -11.53
C GLU B 273 19.67 3.74 -11.27
N LYS B 274 19.88 4.69 -12.17
CA LYS B 274 20.89 5.74 -12.01
C LYS B 274 22.26 5.16 -11.65
N SER B 275 22.68 4.17 -12.42
CA SER B 275 23.93 3.46 -12.16
C SER B 275 24.86 3.60 -13.36
N GLU B 276 26.09 3.09 -13.20
CA GLU B 276 27.15 3.32 -14.17
C GLU B 276 27.99 2.06 -14.33
N ASP B 277 28.37 1.76 -15.57
CA ASP B 277 29.34 0.71 -15.90
C ASP B 277 28.88 -0.65 -15.38
N ILE B 278 27.80 -1.14 -15.99
CA ILE B 278 27.16 -2.40 -15.63
C ILE B 278 27.57 -3.47 -16.64
N GLN B 279 27.85 -4.68 -16.13
CA GLN B 279 28.16 -5.83 -16.96
C GLN B 279 27.33 -7.02 -16.50
N ILE B 280 26.69 -7.69 -17.45
CA ILE B 280 25.92 -8.91 -17.20
C ILE B 280 26.50 -10.00 -18.09
N LEU B 281 27.27 -10.91 -17.49
CA LEU B 281 28.03 -11.90 -18.25
C LEU B 281 27.69 -13.30 -17.74
N ASN B 282 27.48 -14.23 -18.68
CA ASN B 282 27.21 -15.64 -18.37
C ASN B 282 26.04 -15.82 -17.42
N SER B 283 25.20 -14.79 -17.29
CA SER B 283 24.03 -14.83 -16.42
C SER B 283 22.80 -15.20 -17.24
N GLY B 284 21.64 -15.19 -16.60
CA GLY B 284 20.43 -15.51 -17.33
C GLY B 284 19.20 -15.50 -16.45
N VAL B 285 18.05 -15.55 -17.12
CA VAL B 285 16.74 -15.65 -16.48
C VAL B 285 15.93 -16.64 -17.32
N TYR B 286 15.68 -17.82 -16.78
CA TYR B 286 15.00 -18.87 -17.52
C TYR B 286 14.47 -19.92 -16.55
N LEU B 287 13.77 -20.90 -17.10
CA LEU B 287 13.17 -21.97 -16.30
C LEU B 287 14.23 -22.97 -15.87
N ARG B 288 13.95 -23.65 -14.76
CA ARG B 288 14.83 -24.71 -14.27
C ARG B 288 14.57 -25.99 -15.05
N ASP B 289 15.65 -26.70 -15.39
CA ASP B 289 15.54 -27.93 -16.14
C ASP B 289 14.73 -28.97 -15.38
N GLY B 290 13.81 -29.64 -16.09
CA GLY B 290 12.99 -30.67 -15.50
C GLY B 290 11.89 -30.19 -14.59
N SER B 291 11.80 -28.88 -14.34
CA SER B 291 10.76 -28.36 -13.46
C SER B 291 9.41 -28.31 -14.18
N GLU B 292 8.38 -27.97 -13.41
CA GLU B 292 7.04 -27.78 -13.95
C GLU B 292 6.64 -26.31 -13.98
N ARG B 293 7.62 -25.41 -13.96
CA ARG B 293 7.35 -23.98 -14.02
C ARG B 293 7.14 -23.55 -15.46
N LEU B 294 6.35 -22.48 -15.62
CA LEU B 294 6.12 -21.88 -16.93
C LEU B 294 6.69 -20.47 -17.06
N ILE B 295 6.71 -19.71 -15.97
CA ILE B 295 7.18 -18.33 -15.96
C ILE B 295 8.47 -18.25 -15.16
N SER B 296 9.43 -17.46 -15.64
CA SER B 296 10.67 -17.25 -14.88
C SER B 296 10.54 -16.01 -14.00
N THR B 297 10.40 -14.84 -14.61
CA THR B 297 10.14 -13.62 -13.86
C THR B 297 8.83 -13.01 -14.33
N THR B 298 8.16 -12.33 -13.41
CA THR B 298 6.87 -11.71 -13.72
C THR B 298 7.01 -10.36 -14.40
N ALA B 299 8.22 -9.90 -14.64
CA ALA B 299 8.46 -8.62 -15.33
C ALA B 299 9.76 -8.75 -16.11
N ASP B 300 10.34 -7.62 -16.51
CA ASP B 300 11.50 -7.60 -17.39
C ASP B 300 12.63 -8.46 -16.85
N ALA B 301 13.37 -9.09 -17.75
CA ALA B 301 14.57 -9.80 -17.33
C ALA B 301 15.65 -8.82 -16.90
N THR B 302 15.94 -7.82 -17.72
CA THR B 302 16.90 -6.77 -17.41
C THR B 302 16.27 -5.42 -17.69
N HIS B 303 16.64 -4.42 -16.88
CA HIS B 303 16.04 -3.10 -16.96
C HIS B 303 17.05 -2.06 -16.51
N PHE B 304 17.19 -0.99 -17.30
CA PHE B 304 18.20 0.04 -17.06
C PHE B 304 17.52 1.40 -17.15
N ALA B 305 17.22 1.99 -15.99
CA ALA B 305 16.49 3.25 -15.90
C ALA B 305 17.46 4.39 -15.63
N ASN B 306 17.70 5.21 -16.65
CA ASN B 306 18.55 6.40 -16.55
C ASN B 306 19.92 6.05 -15.99
N CYS B 307 20.53 5.01 -16.55
CA CYS B 307 21.91 4.69 -16.25
C CYS B 307 22.84 5.46 -17.18
N LYS B 308 24.13 5.46 -16.85
CA LYS B 308 25.12 6.08 -17.70
C LYS B 308 26.37 5.21 -17.70
N GLY B 309 27.41 5.67 -18.40
CA GLY B 309 28.57 4.84 -18.62
C GLY B 309 28.30 3.80 -19.67
N ASP B 310 28.77 2.57 -19.45
CA ASP B 310 28.61 1.49 -20.41
C ASP B 310 27.79 0.36 -19.82
N ILE B 311 26.95 -0.26 -20.64
CA ILE B 311 26.17 -1.44 -20.26
C ILE B 311 26.50 -2.56 -21.24
N LEU B 312 26.89 -3.71 -20.70
CA LEU B 312 27.27 -4.85 -21.52
C LEU B 312 26.48 -6.08 -21.06
N ILE B 313 25.84 -6.75 -22.01
CA ILE B 313 25.20 -8.04 -21.79
C ILE B 313 25.82 -9.03 -22.76
N GLU B 314 26.46 -10.07 -22.24
CA GLU B 314 27.17 -11.02 -23.09
C GLU B 314 27.02 -12.43 -22.55
N ASN B 315 26.90 -13.38 -23.47
CA ASN B 315 26.87 -14.81 -23.14
C ASN B 315 25.74 -15.14 -22.15
N SER B 316 24.61 -14.45 -22.30
CA SER B 316 23.49 -14.59 -21.38
C SER B 316 22.31 -15.26 -22.09
N ARG B 317 21.23 -15.46 -21.33
CA ARG B 317 20.10 -16.26 -21.80
C ARG B 317 18.87 -15.87 -21.01
N PHE B 318 17.89 -15.26 -21.67
CA PHE B 318 16.69 -14.74 -21.01
C PHE B 318 15.46 -15.34 -21.67
N GLU B 319 14.75 -16.19 -20.93
CA GLU B 319 13.58 -16.89 -21.46
C GLU B 319 12.46 -16.93 -20.43
N ASN B 320 11.22 -17.02 -20.93
CA ASN B 320 10.03 -17.32 -20.14
C ASN B 320 9.72 -16.23 -19.12
N MET B 321 10.14 -15.00 -19.38
CA MET B 321 9.66 -13.89 -18.57
C MET B 321 8.29 -13.44 -19.06
N LEU B 322 7.60 -12.68 -18.20
CA LEU B 322 6.32 -12.10 -18.55
C LEU B 322 6.44 -10.68 -19.08
N ASN B 323 7.67 -10.21 -19.34
CA ASN B 323 7.89 -8.89 -19.93
C ASN B 323 9.24 -8.91 -20.68
N ASP B 324 9.66 -7.74 -21.16
CA ASP B 324 10.74 -7.65 -22.15
C ASP B 324 12.07 -8.18 -21.61
N GLY B 325 12.90 -8.71 -22.51
CA GLY B 325 14.20 -9.20 -22.12
C GLY B 325 15.15 -8.09 -21.69
N ALA B 326 15.04 -6.92 -22.32
CA ALA B 326 15.90 -5.81 -21.98
C ALA B 326 15.23 -4.49 -22.37
N ASN B 327 15.35 -3.50 -21.51
CA ASN B 327 14.84 -2.15 -21.76
C ASN B 327 15.81 -1.16 -21.14
N VAL B 328 16.54 -0.43 -21.98
CA VAL B 328 17.43 0.63 -21.54
C VAL B 328 16.80 1.96 -21.96
N HIS B 329 16.52 2.82 -20.99
CA HIS B 329 15.72 4.01 -21.24
C HIS B 329 15.97 5.02 -20.14
N GLY B 330 15.45 6.23 -20.36
CA GLY B 330 15.48 7.27 -19.36
C GLY B 330 14.10 7.71 -18.95
N THR B 331 13.98 8.86 -18.29
CA THR B 331 12.72 9.35 -17.78
C THR B 331 12.38 10.70 -18.41
N TYR B 332 11.12 10.84 -18.81
CA TYR B 332 10.58 12.11 -19.29
C TYR B 332 9.79 12.74 -18.14
N THR B 333 10.19 13.93 -17.73
CA THR B 333 9.47 14.68 -16.72
C THR B 333 8.74 15.85 -17.37
N ILE B 334 7.60 16.21 -16.78
CA ILE B 334 6.70 17.23 -17.34
C ILE B 334 6.87 18.51 -16.53
N VAL B 335 7.11 19.63 -17.24
CA VAL B 335 7.17 20.92 -16.58
C VAL B 335 5.81 21.24 -15.98
N ASP B 336 5.80 21.58 -14.70
CA ASP B 336 4.57 21.92 -13.98
C ASP B 336 4.44 23.39 -13.67
N LYS B 337 5.51 24.03 -13.20
CA LYS B 337 5.44 25.43 -12.80
C LYS B 337 6.84 26.03 -12.87
N ILE B 338 6.91 27.29 -13.28
CA ILE B 338 8.16 28.06 -13.27
C ILE B 338 8.24 28.81 -11.96
N ILE B 339 9.27 28.52 -11.17
CA ILE B 339 9.43 29.16 -9.85
C ILE B 339 10.15 30.49 -9.98
N ASP B 340 11.31 30.51 -10.64
CA ASP B 340 12.02 31.75 -10.93
C ASP B 340 12.78 31.57 -12.25
N SER B 341 13.72 32.49 -12.50
CA SER B 341 14.47 32.47 -13.75
C SER B 341 15.40 31.27 -13.86
N HIS B 342 15.68 30.57 -12.75
CA HIS B 342 16.58 29.44 -12.76
C HIS B 342 15.99 28.17 -12.17
N THR B 343 14.73 28.18 -11.78
CA THR B 343 14.12 27.05 -11.07
C THR B 343 12.83 26.64 -11.77
N VAL B 344 12.67 25.33 -11.98
CA VAL B 344 11.47 24.76 -12.58
C VAL B 344 11.09 23.52 -11.77
N MET B 345 9.79 23.29 -11.61
CA MET B 345 9.28 22.11 -10.93
C MET B 345 8.68 21.16 -11.94
N VAL B 346 9.12 19.91 -11.90
CA VAL B 346 8.69 18.90 -12.87
C VAL B 346 7.88 17.83 -12.15
N LYS B 347 7.18 17.03 -12.95
CA LYS B 347 6.32 15.96 -12.44
C LYS B 347 6.59 14.68 -13.21
N PHE B 348 6.46 13.56 -12.52
CA PHE B 348 6.53 12.27 -13.18
C PHE B 348 5.22 11.95 -13.87
N GLY B 349 5.29 11.14 -14.93
CA GLY B 349 4.13 10.88 -15.75
C GLY B 349 3.44 9.56 -15.45
N HIS B 350 4.21 8.54 -15.10
CA HIS B 350 3.67 7.23 -14.74
C HIS B 350 3.71 7.05 -13.23
N PHE B 351 2.66 6.43 -12.68
CA PHE B 351 2.56 6.27 -11.24
CA PHE B 351 2.57 6.27 -11.24
C PHE B 351 3.70 5.41 -10.70
N GLU B 352 4.18 4.45 -11.49
CA GLU B 352 5.30 3.63 -11.04
C GLU B 352 6.65 4.33 -11.19
N GLN B 353 6.66 5.56 -11.70
CA GLN B 353 7.90 6.34 -11.78
C GLN B 353 8.09 7.28 -10.60
N THR B 354 7.04 7.55 -9.83
CA THR B 354 7.15 8.45 -8.70
C THR B 354 8.12 7.91 -7.66
N GLY B 355 8.90 8.81 -7.06
CA GLY B 355 9.96 8.42 -6.15
C GLY B 355 11.31 8.24 -6.81
N PHE B 356 11.38 8.28 -8.13
CA PHE B 356 12.64 8.14 -8.84
C PHE B 356 13.55 9.33 -8.57
N GLU B 357 14.85 9.06 -8.52
CA GLU B 357 15.86 10.12 -8.39
C GLU B 357 16.19 10.59 -9.78
N PHE B 358 15.46 11.63 -10.24
CA PHE B 358 15.56 12.05 -11.64
C PHE B 358 16.92 12.66 -11.94
N THR B 359 17.38 13.60 -11.12
CA THR B 359 18.58 14.34 -11.42
C THR B 359 19.28 14.74 -10.14
N GLY B 360 20.41 15.42 -10.29
CA GLY B 360 21.18 15.92 -9.18
C GLY B 360 22.15 16.98 -9.65
N GLN B 361 23.01 17.42 -8.73
CA GLN B 361 23.98 18.46 -9.05
C GLN B 361 24.89 18.01 -10.18
N ASP B 362 25.23 18.96 -11.06
CA ASP B 362 26.14 18.77 -12.18
C ASP B 362 25.59 17.87 -13.27
N ASP B 363 24.27 17.66 -13.30
CA ASP B 363 23.64 16.92 -14.39
C ASP B 363 23.25 17.86 -15.51
N GLU B 364 23.44 17.41 -16.75
CA GLU B 364 22.98 18.14 -17.91
C GLU B 364 21.60 17.64 -18.31
N ILE B 365 20.71 18.57 -18.65
CA ILE B 365 19.31 18.24 -18.92
C ILE B 365 18.93 18.84 -20.27
N TRP B 366 18.19 18.06 -21.07
CA TRP B 366 17.62 18.55 -22.31
C TRP B 366 16.25 19.14 -22.06
N PHE B 367 15.97 20.28 -22.69
CA PHE B 367 14.66 20.90 -22.65
C PHE B 367 13.94 20.64 -23.97
N ILE B 368 12.68 20.22 -23.87
CA ILE B 368 11.86 19.90 -25.03
C ILE B 368 10.59 20.74 -24.93
N HIS B 369 10.37 21.60 -25.92
CA HIS B 369 9.29 22.57 -25.91
C HIS B 369 8.20 22.14 -26.87
N GLN B 370 6.94 22.22 -26.41
CA GLN B 370 5.81 21.94 -27.28
C GLN B 370 5.76 22.95 -28.42
N PRO B 371 5.32 22.55 -29.62
CA PRO B 371 4.95 21.18 -29.97
C PRO B 371 6.07 20.42 -30.69
N ASN B 372 7.31 20.85 -30.50
CA ASN B 372 8.45 20.25 -31.18
C ASN B 372 9.06 19.16 -30.30
N THR B 373 9.25 17.98 -30.89
CA THR B 373 9.69 16.82 -30.13
C THR B 373 11.21 16.75 -29.93
N LYS B 374 11.97 17.60 -30.61
CA LYS B 374 13.42 17.50 -30.57
C LYS B 374 13.98 18.07 -29.26
N ARG B 375 15.21 17.67 -28.95
CA ARG B 375 15.94 18.21 -27.81
C ARG B 375 16.45 19.60 -28.17
N GLU B 376 15.86 20.63 -27.56
CA GLU B 376 16.14 22.00 -27.98
C GLU B 376 17.43 22.53 -27.39
N SER B 377 17.50 22.62 -26.06
CA SER B 377 18.63 23.26 -25.39
C SER B 377 19.12 22.41 -24.24
N VAL B 378 20.31 22.75 -23.73
CA VAL B 378 20.96 22.03 -22.65
C VAL B 378 21.24 23.00 -21.52
N ASN B 379 21.03 22.55 -20.29
CA ASN B 379 21.36 23.30 -19.08
C ASN B 379 21.90 22.34 -18.03
N THR B 380 22.57 22.90 -17.03
CA THR B 380 23.21 22.12 -15.99
C THR B 380 22.56 22.40 -14.64
N VAL B 381 22.34 21.33 -13.86
CA VAL B 381 21.63 21.44 -12.59
C VAL B 381 22.58 21.95 -11.51
N GLU B 382 22.09 22.89 -10.71
CA GLU B 382 22.80 23.38 -9.55
C GLU B 382 22.41 22.64 -8.28
N SER B 383 21.12 22.53 -8.00
CA SER B 383 20.62 21.88 -6.80
C SER B 383 19.25 21.29 -7.08
N VAL B 384 18.78 20.45 -6.16
CA VAL B 384 17.51 19.76 -6.29
C VAL B 384 16.78 19.84 -4.96
N ASN B 385 15.49 20.20 -5.01
CA ASN B 385 14.60 20.20 -3.85
C ASN B 385 13.44 19.26 -4.18
N VAL B 386 13.48 18.06 -3.60
CA VAL B 386 12.42 17.07 -3.83
C VAL B 386 11.23 17.45 -2.95
N ILE B 387 10.12 17.81 -3.58
CA ILE B 387 8.92 18.18 -2.83
C ILE B 387 8.21 16.93 -2.32
N ASN B 388 7.91 16.00 -3.22
CA ASN B 388 7.39 14.70 -2.85
C ASN B 388 7.83 13.70 -3.92
N GLU B 389 7.26 12.50 -3.88
CA GLU B 389 7.66 11.47 -4.83
C GLU B 389 7.21 11.79 -6.26
N ALA B 390 6.27 12.71 -6.43
CA ALA B 390 5.79 13.08 -7.77
C ALA B 390 6.43 14.33 -8.31
N TYR B 391 6.66 15.34 -7.48
CA TYR B 391 7.13 16.64 -7.92
C TYR B 391 8.58 16.87 -7.50
N THR B 392 9.36 17.50 -8.38
CA THR B 392 10.77 17.77 -8.14
C THR B 392 11.09 19.19 -8.58
N GLN B 393 11.71 19.96 -7.69
CA GLN B 393 12.16 21.31 -8.01
C GLN B 393 13.65 21.27 -8.37
N ILE B 394 13.99 21.81 -9.53
CA ILE B 394 15.35 21.77 -10.06
C ILE B 394 15.84 23.20 -10.23
N LYS B 395 16.99 23.51 -9.65
CA LYS B 395 17.67 24.79 -9.83
C LYS B 395 18.85 24.58 -10.78
N PHE B 396 18.90 25.38 -11.85
CA PHE B 396 19.91 25.24 -12.87
C PHE B 396 20.98 26.32 -12.74
N LYS B 397 22.19 25.99 -13.20
CA LYS B 397 23.30 26.94 -13.10
C LYS B 397 23.12 28.14 -14.00
N ASN B 398 22.48 27.95 -15.16
CA ASN B 398 22.25 29.03 -16.11
C ASN B 398 20.76 29.33 -16.21
N ARG B 399 20.44 30.42 -16.89
CA ARG B 399 19.05 30.85 -17.01
C ARG B 399 18.22 29.85 -17.79
N LEU B 400 16.97 29.68 -17.38
CA LEU B 400 16.07 28.77 -18.04
C LEU B 400 15.63 29.31 -19.40
N PRO B 401 15.20 28.43 -20.30
CA PRO B 401 14.69 28.91 -21.60
C PRO B 401 13.48 29.81 -21.43
N LYS B 402 13.48 30.92 -22.17
CA LYS B 402 12.40 31.89 -22.05
C LYS B 402 11.05 31.31 -22.48
N GLN B 403 11.06 30.35 -23.39
CA GLN B 403 9.84 29.74 -23.89
C GLN B 403 9.40 28.54 -23.06
N LEU B 404 10.06 28.27 -21.94
CA LEU B 404 9.68 27.14 -21.10
C LEU B 404 8.29 27.36 -20.52
N ALA B 405 7.43 26.37 -20.68
CA ALA B 405 6.04 26.47 -20.24
C ALA B 405 5.58 25.13 -19.69
N LYS B 406 4.47 25.17 -18.95
CA LYS B 406 3.87 23.95 -18.44
C LYS B 406 3.54 23.01 -19.59
N GLY B 407 3.83 21.72 -19.39
CA GLY B 407 3.66 20.72 -20.42
C GLY B 407 4.93 20.38 -21.17
N ASP B 408 5.93 21.26 -21.15
CA ASP B 408 7.21 20.95 -21.76
C ASP B 408 7.88 19.79 -21.03
N LEU B 409 8.92 19.23 -21.65
CA LEU B 409 9.56 18.04 -21.14
C LEU B 409 11.02 18.32 -20.78
N LEU B 410 11.49 17.63 -19.74
CA LEU B 410 12.89 17.59 -19.37
C LEU B 410 13.40 16.17 -19.55
N GLU B 411 14.55 16.03 -20.21
CA GLU B 411 15.20 14.74 -20.39
C GLU B 411 16.62 14.83 -19.83
N ASN B 412 17.00 13.84 -19.03
CA ASN B 412 18.33 13.80 -18.47
C ASN B 412 19.35 13.47 -19.57
N LYS B 413 20.32 14.35 -19.76
CA LYS B 413 21.36 14.15 -20.76
C LYS B 413 22.56 13.39 -20.21
N THR B 414 22.94 13.68 -18.96
CA THR B 414 24.09 13.02 -18.36
C THR B 414 23.86 11.51 -18.21
N TRP B 415 22.67 11.12 -17.76
CA TRP B 415 22.39 9.73 -17.44
C TRP B 415 21.77 9.02 -18.64
N ASN B 416 22.63 8.76 -19.62
CA ASN B 416 22.30 7.94 -20.78
C ASN B 416 23.51 7.04 -21.01
N PRO B 417 23.32 5.72 -21.11
CA PRO B 417 24.46 4.81 -21.26
C PRO B 417 24.77 4.45 -22.70
N THR B 418 25.94 3.87 -22.92
CA THR B 418 26.19 3.09 -24.12
C THR B 418 25.73 1.65 -23.85
N PHE B 419 25.17 1.01 -24.87
CA PHE B 419 24.53 -0.30 -24.70
C PHE B 419 25.11 -1.28 -25.70
N THR B 420 25.45 -2.47 -25.22
CA THR B 420 26.01 -3.53 -26.06
C THR B 420 25.50 -4.87 -25.57
N MET B 421 24.85 -5.62 -26.44
CA MET B 421 24.41 -6.98 -26.15
C MET B 421 24.90 -7.89 -27.25
N ARG B 422 25.68 -8.91 -26.89
CA ARG B 422 26.28 -9.80 -27.86
C ARG B 422 26.28 -11.24 -27.32
N LYS B 423 26.15 -12.19 -28.24
CA LYS B 423 26.22 -13.62 -27.91
C LYS B 423 25.21 -14.00 -26.83
N THR B 424 24.01 -13.44 -26.92
CA THR B 424 22.97 -13.65 -25.92
C THR B 424 21.74 -14.27 -26.57
N ILE B 425 21.06 -15.13 -25.83
CA ILE B 425 19.86 -15.81 -26.29
C ILE B 425 18.66 -15.21 -25.56
N ILE B 426 17.65 -14.77 -26.33
CA ILE B 426 16.41 -14.24 -25.78
C ILE B 426 15.26 -14.85 -26.58
N LYS B 427 14.45 -15.69 -25.94
CA LYS B 427 13.43 -16.42 -26.65
C LYS B 427 12.35 -16.89 -25.67
N ASN B 428 11.18 -17.22 -26.25
CA ASN B 428 10.11 -17.92 -25.54
C ASN B 428 9.64 -17.16 -24.30
N HIS B 429 9.17 -15.94 -24.52
CA HIS B 429 8.62 -15.14 -23.43
C HIS B 429 7.58 -14.18 -23.99
N ARG B 430 6.84 -13.53 -23.09
CA ARG B 430 5.75 -12.64 -23.49
C ARG B 430 6.25 -11.19 -23.45
N ALA B 431 6.99 -10.81 -24.50
CA ALA B 431 7.28 -9.40 -24.76
C ALA B 431 8.13 -9.13 -25.99
N ARG B 432 8.53 -7.86 -26.13
CA ARG B 432 9.62 -7.51 -27.04
C ARG B 432 10.93 -8.10 -26.54
N ASN B 433 11.79 -8.49 -27.48
CA ASN B 433 13.11 -9.00 -27.11
C ASN B 433 13.93 -7.91 -26.43
N VAL B 434 14.20 -6.83 -27.16
CA VAL B 434 15.08 -5.76 -26.73
C VAL B 434 14.40 -4.43 -27.03
N VAL B 435 14.36 -3.54 -26.04
CA VAL B 435 13.79 -2.21 -26.19
C VAL B 435 14.92 -1.21 -26.00
N LEU B 436 15.19 -0.42 -27.03
CA LEU B 436 16.36 0.46 -27.06
C LEU B 436 15.89 1.91 -27.06
N LYS B 437 16.20 2.62 -25.98
CA LYS B 437 15.86 4.03 -25.82
C LYS B 437 17.06 4.81 -25.28
N THR B 438 18.21 4.64 -25.92
CA THR B 438 19.36 5.43 -25.49
C THR B 438 19.96 6.18 -26.68
N PRO B 439 20.31 7.45 -26.49
CA PRO B 439 20.89 8.23 -27.60
C PRO B 439 22.36 7.93 -27.87
N LEU B 440 23.02 7.15 -27.02
CA LEU B 440 24.44 6.85 -27.19
C LEU B 440 24.62 5.60 -28.04
N LYS B 441 25.87 5.19 -28.20
CA LYS B 441 26.22 4.10 -29.12
C LYS B 441 25.61 2.79 -28.66
N THR B 442 24.82 2.16 -29.53
CA THR B 442 24.15 0.89 -29.24
C THR B 442 24.56 -0.14 -30.28
N VAL B 443 24.99 -1.31 -29.81
CA VAL B 443 25.41 -2.40 -30.67
C VAL B 443 24.68 -3.66 -30.25
N ILE B 444 23.96 -4.28 -31.19
CA ILE B 444 23.22 -5.52 -30.96
C ILE B 444 23.71 -6.51 -32.00
N GLU B 445 24.59 -7.42 -31.60
CA GLU B 445 25.27 -8.28 -32.56
C GLU B 445 25.35 -9.71 -32.06
N GLU B 446 25.31 -10.64 -33.01
CA GLU B 446 25.64 -12.06 -32.77
C GLU B 446 24.75 -12.69 -31.70
N ASN B 447 23.48 -12.34 -31.70
CA ASN B 447 22.52 -12.89 -30.75
C ASN B 447 21.52 -13.79 -31.45
N PHE B 448 20.89 -14.65 -30.66
CA PHE B 448 19.77 -15.47 -31.10
C PHE B 448 18.49 -14.87 -30.54
N PHE B 449 17.54 -14.58 -31.41
CA PHE B 449 16.33 -13.86 -31.01
C PHE B 449 15.08 -14.62 -31.41
N SER B 450 14.08 -14.59 -30.52
CA SER B 450 12.76 -15.14 -30.80
C SER B 450 11.78 -14.42 -29.89
N SER B 451 10.74 -13.81 -30.46
CA SER B 451 9.87 -12.94 -29.69
C SER B 451 8.42 -13.10 -30.12
N MET B 452 7.53 -13.19 -29.13
CA MET B 452 6.10 -13.13 -29.40
C MET B 452 5.73 -11.81 -30.06
N MET B 453 6.11 -10.70 -29.44
CA MET B 453 5.93 -9.36 -29.99
C MET B 453 7.17 -8.99 -30.80
N SER B 454 7.33 -7.71 -31.11
CA SER B 454 8.50 -7.24 -31.84
C SER B 454 9.79 -7.72 -31.15
N SER B 455 10.85 -7.84 -31.93
CA SER B 455 12.14 -8.24 -31.36
C SER B 455 12.95 -7.03 -30.92
N ILE B 456 13.24 -6.12 -31.84
CA ILE B 456 13.93 -4.88 -31.52
C ILE B 456 12.91 -3.76 -31.65
N LEU B 457 12.57 -3.16 -30.52
CA LEU B 457 11.53 -2.13 -30.46
C LEU B 457 12.13 -0.79 -30.08
N PHE B 458 11.74 0.25 -30.80
CA PHE B 458 12.07 1.64 -30.46
C PHE B 458 10.76 2.35 -30.20
N ARG B 459 10.53 2.78 -28.95
CA ARG B 459 9.33 3.55 -28.61
C ARG B 459 9.71 4.62 -27.59
N GLY B 460 10.06 5.81 -28.08
CA GLY B 460 10.04 6.98 -27.23
C GLY B 460 8.61 7.32 -26.87
N GLU B 461 8.35 7.52 -25.59
CA GLU B 461 6.98 7.58 -25.09
C GLU B 461 6.80 8.83 -24.24
N THR B 462 5.87 9.68 -24.65
CA THR B 462 5.44 10.84 -23.87
C THR B 462 3.93 10.82 -23.65
N PHE B 463 3.29 9.69 -23.86
CA PHE B 463 1.84 9.55 -23.78
C PHE B 463 1.39 8.93 -22.46
N PHE B 464 1.93 7.77 -22.10
CA PHE B 464 1.52 7.08 -20.88
C PHE B 464 2.68 6.67 -20.00
N TRP B 465 3.80 6.22 -20.58
CA TRP B 465 4.91 5.68 -19.80
C TRP B 465 5.98 6.72 -19.49
N TYR B 466 6.12 7.74 -20.34
CA TYR B 466 7.09 8.81 -20.17
C TYR B 466 8.51 8.25 -19.98
N GLU B 467 8.95 7.52 -21.00
CA GLU B 467 10.30 6.97 -21.06
C GLU B 467 11.03 7.62 -22.22
N SER B 468 12.13 8.32 -21.92
CA SER B 468 12.87 9.07 -22.94
C SER B 468 13.75 8.13 -23.74
N GLY B 469 14.56 8.70 -24.65
CA GLY B 469 15.41 7.86 -25.46
C GLY B 469 15.27 7.91 -26.97
N ALA B 470 14.99 9.09 -27.54
CA ALA B 470 15.23 9.27 -28.98
C ALA B 470 16.67 8.88 -29.30
N VAL B 471 16.84 7.85 -30.12
CA VAL B 471 18.14 7.25 -30.34
C VAL B 471 18.87 7.99 -31.46
N GLU B 472 20.20 7.86 -31.45
CA GLU B 472 21.04 8.52 -32.46
C GLU B 472 22.14 7.63 -33.03
N ASP B 473 22.42 6.45 -32.47
CA ASP B 473 23.46 5.57 -33.01
C ASP B 473 23.14 4.15 -32.57
N VAL B 474 22.56 3.36 -33.46
CA VAL B 474 22.15 1.99 -33.18
C VAL B 474 22.63 1.09 -34.32
N LEU B 475 23.23 -0.05 -33.97
CA LEU B 475 23.73 -1.02 -34.94
C LEU B 475 23.23 -2.41 -34.56
N ILE B 476 22.52 -3.06 -35.48
CA ILE B 476 21.97 -4.40 -35.27
C ILE B 476 22.48 -5.26 -36.41
N ARG B 477 23.50 -6.07 -36.14
CA ARG B 477 24.16 -6.84 -37.19
C ARG B 477 24.40 -8.27 -36.74
N ASN B 478 24.48 -9.17 -37.71
CA ASN B 478 24.91 -10.56 -37.51
C ASN B 478 24.08 -11.28 -36.44
N ASN B 479 22.82 -10.94 -36.32
CA ASN B 479 21.92 -11.62 -35.38
C ASN B 479 21.02 -12.60 -36.13
N THR B 480 20.53 -13.58 -35.39
CA THR B 480 19.62 -14.59 -35.92
C THR B 480 18.25 -14.39 -35.28
N PHE B 481 17.26 -14.08 -36.12
CA PHE B 481 15.87 -13.92 -35.69
C PHE B 481 15.09 -15.13 -36.17
N ASP B 482 14.57 -15.91 -35.22
CA ASP B 482 13.83 -17.14 -35.54
C ASP B 482 12.48 -17.07 -34.85
N TYR B 483 11.40 -17.15 -35.64
CA TYR B 483 10.04 -17.13 -35.13
C TYR B 483 9.76 -15.85 -34.33
N VAL B 484 9.75 -14.74 -35.07
CA VAL B 484 9.60 -13.41 -34.50
C VAL B 484 8.21 -12.88 -34.82
N ALA B 485 7.62 -12.15 -33.87
CA ALA B 485 6.39 -11.40 -34.07
C ALA B 485 5.21 -12.31 -34.40
N TYR B 486 5.01 -13.34 -33.58
CA TYR B 486 3.89 -14.24 -33.72
C TYR B 486 2.75 -13.92 -32.76
N ALA B 487 2.71 -12.70 -32.23
CA ALA B 487 1.63 -12.30 -31.33
C ALA B 487 0.33 -12.11 -32.12
N GLY B 488 -0.77 -11.99 -31.37
CA GLY B 488 -2.05 -11.76 -32.01
C GLY B 488 -2.13 -10.39 -32.67
N LYS B 489 -1.59 -9.36 -32.02
CA LYS B 489 -1.55 -8.01 -32.56
C LYS B 489 -0.32 -7.84 -33.44
N PRO B 490 -0.39 -6.95 -34.44
CA PRO B 490 0.71 -6.85 -35.41
C PRO B 490 1.98 -6.28 -34.79
N HIS B 491 3.10 -6.92 -35.12
CA HIS B 491 4.42 -6.48 -34.69
C HIS B 491 5.38 -6.66 -35.86
N ALA B 492 6.67 -6.49 -35.60
CA ALA B 492 7.68 -6.64 -36.64
C ALA B 492 9.01 -7.01 -36.00
N VAL B 493 9.92 -7.53 -36.81
CA VAL B 493 11.25 -7.89 -36.31
C VAL B 493 11.95 -6.66 -35.76
N LEU B 494 12.00 -5.58 -36.55
CA LEU B 494 12.51 -4.30 -36.12
C LEU B 494 11.38 -3.29 -36.20
N ASN B 495 10.99 -2.73 -35.05
CA ASN B 495 9.82 -1.87 -34.95
C ASN B 495 10.24 -0.52 -34.38
N ILE B 496 10.15 0.53 -35.20
CA ILE B 496 10.47 1.90 -34.79
C ILE B 496 9.16 2.65 -34.73
N THR B 497 8.57 2.74 -33.54
CA THR B 497 7.23 3.32 -33.37
C THR B 497 7.18 4.17 -32.11
N PRO B 498 7.59 5.43 -32.20
CA PRO B 498 7.41 6.34 -31.06
C PRO B 498 5.95 6.70 -30.88
N ARG B 499 5.50 6.73 -29.63
CA ARG B 499 4.15 7.13 -29.27
C ARG B 499 4.25 8.39 -28.43
N LEU B 500 4.00 9.53 -29.04
CA LEU B 500 4.24 10.82 -28.42
C LEU B 500 2.92 11.52 -28.07
N SER B 501 2.97 12.37 -27.05
CA SER B 501 1.80 13.12 -26.63
C SER B 501 1.27 13.98 -27.78
N LYS B 502 -0.06 14.09 -27.85
CA LYS B 502 -0.68 14.91 -28.88
C LYS B 502 -0.47 16.40 -28.67
N SER B 503 0.20 16.80 -27.59
CA SER B 503 0.66 18.17 -27.44
C SER B 503 1.88 18.47 -28.32
N PHE B 504 2.39 17.47 -29.02
CA PHE B 504 3.51 17.62 -29.94
C PHE B 504 3.08 17.23 -31.35
N ASN B 505 3.82 17.74 -32.32
CA ASN B 505 3.58 17.35 -33.71
C ASN B 505 3.88 15.87 -33.89
N GLN B 506 3.02 15.18 -34.63
CA GLN B 506 3.09 13.74 -34.77
C GLN B 506 3.82 13.29 -36.04
N ASP B 507 4.49 14.21 -36.74
CA ASP B 507 5.17 13.86 -37.98
C ASP B 507 6.60 14.37 -38.02
N GLU B 508 7.21 14.61 -36.87
CA GLU B 508 8.60 15.07 -36.81
C GLU B 508 9.54 13.89 -36.65
N ILE B 509 10.73 14.02 -37.24
CA ILE B 509 11.74 12.98 -37.13
C ILE B 509 12.16 12.83 -35.68
N TYR B 510 12.14 11.59 -35.17
CA TYR B 510 12.45 11.31 -33.78
C TYR B 510 13.74 10.51 -33.62
N ASP B 511 13.81 9.32 -34.22
CA ASP B 511 14.97 8.46 -34.13
C ASP B 511 15.84 8.63 -35.36
N ARG B 512 17.14 8.40 -35.19
CA ARG B 512 18.10 8.61 -36.26
C ARG B 512 19.18 7.54 -36.23
N ASN B 513 19.73 7.26 -37.42
CA ASN B 513 20.96 6.48 -37.58
C ASN B 513 20.84 5.08 -36.97
N ILE B 514 19.93 4.29 -37.54
CA ILE B 514 19.72 2.90 -37.16
C ILE B 514 20.11 2.02 -38.34
N ARG B 515 20.97 1.04 -38.09
CA ARG B 515 21.44 0.11 -39.12
C ARG B 515 21.02 -1.31 -38.77
N PHE B 516 20.46 -2.02 -39.74
CA PHE B 516 20.03 -3.40 -39.60
C PHE B 516 20.76 -4.19 -40.68
N GLU B 517 21.90 -4.78 -40.33
CA GLU B 517 22.83 -5.35 -41.29
C GLU B 517 23.01 -6.84 -41.05
N ASN B 518 23.17 -7.58 -42.15
CA ASN B 518 23.70 -8.96 -42.14
C ASN B 518 22.99 -9.85 -41.12
N ASN B 519 21.67 -9.75 -41.06
CA ASN B 519 20.90 -10.59 -40.16
C ASN B 519 20.20 -11.71 -40.94
N THR B 520 19.88 -12.78 -40.22
CA THR B 520 19.14 -13.93 -40.76
C THR B 520 17.83 -14.04 -40.00
N ILE B 521 16.71 -13.88 -40.70
CA ILE B 521 15.39 -13.94 -40.10
C ILE B 521 14.61 -15.09 -40.73
N ASN B 522 14.28 -16.08 -39.92
CA ASN B 522 13.36 -17.14 -40.33
C ASN B 522 11.93 -16.66 -40.08
N SER B 523 11.14 -16.54 -41.14
CA SER B 523 9.84 -15.89 -41.07
C SER B 523 8.73 -16.87 -41.42
N PHE B 524 7.54 -16.59 -40.87
CA PHE B 524 6.32 -17.30 -41.23
C PHE B 524 5.38 -16.41 -42.03
N GLY B 525 5.87 -15.28 -42.53
CA GLY B 525 5.03 -14.27 -43.15
C GLY B 525 4.85 -13.01 -42.34
N ASN B 526 5.66 -12.79 -41.31
CA ASN B 526 5.54 -11.63 -40.44
C ASN B 526 6.27 -10.43 -41.02
N ARG B 527 5.94 -9.26 -40.50
CA ARG B 527 6.64 -8.04 -40.88
C ARG B 527 8.10 -8.11 -40.45
N ILE B 528 8.96 -7.49 -41.24
CA ILE B 528 10.39 -7.42 -40.94
C ILE B 528 10.76 -6.08 -40.33
N VAL B 529 10.43 -4.97 -41.00
CA VAL B 529 10.80 -3.64 -40.55
C VAL B 529 9.57 -2.74 -40.63
N TRP B 530 9.12 -2.22 -39.49
CA TRP B 530 8.11 -1.18 -39.42
C TRP B 530 8.74 0.05 -38.82
N ALA B 531 8.84 1.12 -39.60
CA ALA B 531 9.53 2.33 -39.19
C ALA B 531 8.57 3.52 -39.19
N ASP B 532 8.71 4.37 -38.19
CA ASP B 532 7.87 5.56 -38.06
C ASP B 532 8.74 6.71 -37.57
N ARG B 533 8.85 7.76 -38.39
CA ARG B 533 9.56 8.98 -38.02
C ARG B 533 11.04 8.73 -37.75
N VAL B 534 11.65 7.84 -38.53
CA VAL B 534 13.07 7.55 -38.43
C VAL B 534 13.83 8.37 -39.47
N GLY B 535 14.91 9.02 -39.05
CA GLY B 535 15.77 9.68 -40.00
C GLY B 535 17.09 8.96 -40.19
N GLY B 536 17.19 8.21 -41.29
CA GLY B 536 18.38 7.43 -41.55
C GLY B 536 18.23 6.00 -41.08
N LEU B 537 17.94 5.09 -42.00
CA LEU B 537 17.70 3.69 -41.66
C LEU B 537 18.25 2.82 -42.78
N THR B 538 19.27 2.03 -42.48
CA THR B 538 19.91 1.17 -43.44
C THR B 538 19.52 -0.28 -43.16
N VAL B 539 18.88 -0.91 -44.13
CA VAL B 539 18.51 -2.32 -44.06
C VAL B 539 19.31 -3.02 -45.16
N SER B 540 20.39 -3.70 -44.78
CA SER B 540 21.31 -4.25 -45.75
C SER B 540 21.77 -5.64 -45.34
N GLY B 541 22.16 -6.43 -46.33
CA GLY B 541 22.81 -7.72 -46.12
C GLY B 541 21.99 -8.78 -45.40
N ASN B 542 20.69 -8.55 -45.26
CA ASN B 542 19.84 -9.46 -44.50
C ASN B 542 19.30 -10.57 -45.38
N THR B 543 19.07 -11.73 -44.77
CA THR B 543 18.52 -12.90 -45.45
C THR B 543 17.24 -13.30 -44.74
N ILE B 544 16.11 -13.22 -45.44
CA ILE B 544 14.81 -13.57 -44.89
C ILE B 544 14.40 -14.92 -45.46
N ASN B 545 14.11 -15.87 -44.57
CA ASN B 545 13.76 -17.24 -44.96
C ASN B 545 12.33 -17.52 -44.54
N ARG B 546 11.44 -17.66 -45.52
CA ARG B 546 10.06 -18.10 -45.27
C ARG B 546 10.06 -19.61 -45.17
N ASN B 547 10.44 -20.11 -43.98
CA ASN B 547 10.59 -21.55 -43.77
C ASN B 547 9.88 -22.04 -42.51
N ILE B 548 9.06 -21.20 -41.87
CA ILE B 548 8.35 -21.58 -40.67
C ILE B 548 6.92 -21.95 -41.05
N ASN B 549 6.50 -23.16 -40.72
CA ASN B 549 5.16 -23.65 -41.06
C ASN B 549 4.19 -23.22 -39.97
N GLN B 550 3.73 -21.98 -40.08
CA GLN B 550 2.79 -21.40 -39.14
C GLN B 550 1.88 -20.45 -39.92
N PRO B 551 0.58 -20.41 -39.61
CA PRO B 551 -0.33 -19.58 -40.41
C PRO B 551 -0.08 -18.09 -40.18
N VAL B 552 -0.21 -17.32 -41.26
CA VAL B 552 -0.06 -15.86 -41.18
C VAL B 552 -1.26 -15.29 -40.44
N LEU B 553 -0.99 -14.40 -39.48
CA LEU B 553 -2.04 -13.84 -38.64
C LEU B 553 -2.59 -12.52 -39.16
N HIS B 554 -1.80 -11.79 -39.94
CA HIS B 554 -2.22 -10.52 -40.53
C HIS B 554 -1.94 -10.56 -42.02
N PRO B 555 -2.96 -10.80 -42.84
CA PRO B 555 -2.72 -10.93 -44.29
C PRO B 555 -2.36 -9.60 -44.93
N ASP B 556 -1.68 -9.69 -46.07
CA ASP B 556 -1.24 -8.53 -46.84
C ASP B 556 -0.33 -7.62 -46.01
N SER B 557 0.49 -8.22 -45.17
CA SER B 557 1.43 -7.45 -44.38
C SER B 557 2.79 -7.40 -45.10
N PRO B 558 3.34 -6.22 -45.33
CA PRO B 558 4.56 -6.12 -46.13
C PRO B 558 5.80 -6.47 -45.31
N LEU B 559 6.86 -6.83 -46.04
CA LEU B 559 8.16 -7.01 -45.40
C LEU B 559 8.62 -5.74 -44.73
N PHE B 560 8.47 -4.61 -45.40
CA PHE B 560 8.89 -3.32 -44.88
C PHE B 560 7.77 -2.30 -45.06
N GLU B 561 7.57 -1.47 -44.05
CA GLU B 561 6.63 -0.36 -44.14
C GLU B 561 7.24 0.87 -43.48
N PHE B 562 7.25 1.99 -44.22
CA PHE B 562 7.87 3.22 -43.75
C PHE B 562 6.86 4.35 -43.84
N VAL B 563 6.80 5.17 -42.78
CA VAL B 563 5.87 6.29 -42.71
C VAL B 563 6.60 7.49 -42.10
N ASN B 564 6.46 8.65 -42.73
CA ASN B 564 6.98 9.92 -42.21
C ASN B 564 8.47 9.82 -41.87
N SER B 565 9.23 9.16 -42.74
CA SER B 565 10.65 8.92 -42.49
C SER B 565 11.50 9.60 -43.57
N GLU B 566 12.81 9.56 -43.35
CA GLU B 566 13.77 10.18 -44.26
C GLU B 566 14.99 9.28 -44.39
N ASN B 567 15.54 9.22 -45.61
CA ASN B 567 16.83 8.59 -45.87
C ASN B 567 16.86 7.13 -45.42
N ILE B 568 15.90 6.36 -45.95
CA ILE B 568 15.84 4.92 -45.76
C ILE B 568 16.48 4.25 -46.97
N GLU B 569 17.25 3.19 -46.73
CA GLU B 569 17.97 2.52 -47.80
C GLU B 569 17.83 1.02 -47.68
N LEU B 570 17.35 0.38 -48.74
CA LEU B 570 17.37 -1.07 -48.89
C LEU B 570 18.52 -1.44 -49.83
N LYS B 571 19.27 -2.48 -49.46
CA LYS B 571 20.48 -2.80 -50.20
C LYS B 571 20.88 -4.24 -49.93
N ASN B 572 21.01 -5.03 -51.01
CA ASN B 572 21.62 -6.36 -50.95
C ASN B 572 20.95 -7.27 -49.93
N ASN B 573 19.63 -7.23 -49.87
CA ASN B 573 18.86 -8.13 -49.04
C ASN B 573 18.25 -9.24 -49.89
N THR B 574 18.04 -10.41 -49.28
CA THR B 574 17.56 -11.57 -50.00
C THR B 574 16.38 -12.20 -49.27
N TYR B 575 15.35 -12.54 -50.02
CA TYR B 575 14.17 -13.22 -49.51
C TYR B 575 14.00 -14.56 -50.20
N ASN B 576 13.64 -15.58 -49.41
CA ASN B 576 13.47 -16.94 -49.91
C ASN B 576 12.18 -17.52 -49.37
N GLY B 577 11.36 -18.08 -50.26
CA GLY B 577 10.14 -18.75 -49.85
C GLY B 577 8.89 -18.25 -50.53
N LYS B 578 7.75 -18.45 -49.88
CA LYS B 578 6.46 -18.04 -50.43
C LYS B 578 6.45 -16.54 -50.71
N VAL B 579 5.79 -16.17 -51.81
CA VAL B 579 5.74 -14.76 -52.19
C VAL B 579 4.99 -13.96 -51.12
N GLN B 580 5.39 -12.70 -50.95
CA GLN B 580 4.82 -11.83 -49.94
C GLN B 580 5.01 -10.39 -50.39
N ARG B 581 4.04 -9.54 -50.03
CA ARG B 581 4.17 -8.12 -50.29
C ARG B 581 5.43 -7.58 -49.62
N VAL B 582 6.16 -6.73 -50.33
CA VAL B 582 7.51 -6.33 -49.93
C VAL B 582 7.52 -4.99 -49.22
N LEU B 583 6.92 -3.96 -49.80
CA LEU B 583 7.09 -2.62 -49.29
C LEU B 583 5.80 -1.80 -49.40
N ILE B 584 5.39 -1.22 -48.28
CA ILE B 584 4.40 -0.15 -48.24
C ILE B 584 5.11 1.11 -47.79
N VAL B 585 4.92 2.20 -48.53
CA VAL B 585 5.61 3.45 -48.23
C VAL B 585 4.64 4.60 -48.44
N ASP B 586 4.75 5.63 -47.60
CA ASP B 586 4.07 6.88 -47.86
C ASP B 586 4.95 7.77 -48.73
N ASP B 587 4.32 8.72 -49.41
CA ASP B 587 5.03 9.47 -50.44
C ASP B 587 6.10 10.39 -49.86
N SER B 588 6.03 10.72 -48.57
CA SER B 588 7.08 11.53 -47.96
C SER B 588 8.36 10.74 -47.77
N SER B 589 8.24 9.50 -47.28
CA SER B 589 9.42 8.65 -47.12
C SER B 589 9.93 8.15 -48.46
N LYS B 590 9.05 7.99 -49.44
CA LYS B 590 9.46 7.51 -50.75
C LYS B 590 10.37 8.51 -51.45
N GLY B 591 10.24 9.80 -51.13
CA GLY B 591 11.06 10.82 -51.75
C GLY B 591 12.53 10.70 -51.45
N THR B 592 12.90 9.97 -50.39
CA THR B 592 14.30 9.80 -50.00
C THR B 592 14.64 8.33 -49.75
N LEU B 593 13.89 7.40 -50.34
CA LEU B 593 14.15 5.99 -50.17
C LEU B 593 15.06 5.48 -51.29
N ILE B 594 16.12 4.79 -50.92
CA ILE B 594 17.04 4.15 -51.85
C ILE B 594 16.74 2.66 -51.84
N ASP B 595 16.29 2.13 -52.97
CA ASP B 595 15.92 0.72 -53.09
C ASP B 595 16.64 0.14 -54.31
N ASP B 596 17.57 -0.78 -54.05
CA ASP B 596 18.32 -1.43 -55.11
C ASP B 596 17.58 -2.61 -55.74
N GLY B 597 16.33 -2.83 -55.34
CA GLY B 597 15.54 -3.92 -55.89
C GLY B 597 16.07 -5.30 -55.59
N SER B 598 16.85 -5.46 -54.52
CA SER B 598 17.37 -6.78 -54.18
C SER B 598 16.27 -7.74 -53.74
N ILE B 599 15.12 -7.23 -53.30
CA ILE B 599 13.96 -8.04 -52.99
C ILE B 599 12.78 -7.48 -53.80
N LYS B 600 12.35 -8.25 -54.79
CA LYS B 600 11.24 -7.84 -55.64
C LYS B 600 10.05 -8.77 -55.48
#